data_6FV5
#
_entry.id   6FV5
#
_cell.length_a   118.475
_cell.length_b   124.573
_cell.length_c   61.849
_cell.angle_alpha   90.00
_cell.angle_beta   90.00
_cell.angle_gamma   90.00
#
_symmetry.space_group_name_H-M   'P 21 21 2'
#
loop_
_entity.id
_entity.type
_entity.pdbx_description
1 polymer 'Queuine tRNA-ribosyltransferase accessory subunit 2'
2 non-polymer 'ZINC ION'
3 non-polymer DI(HYDROXYETHYL)ETHER
4 non-polymer 'MALONATE ION'
5 water water
#
_entity_poly.entity_id   1
_entity_poly.type   'polypeptide(L)'
_entity_poly.pdbx_seq_one_letter_code
;GSRDRMMKLSLIKVVNGCRLGKIQNLGKAGDCTVDIPGCLLYTRTGSAPHLTHQTLRNIHGVPGIAQLTLSSLAEHHEVL
AEYKKGVGSFIGMPESLFYCSLHDPVTPGPAGYVTSKSVSVWGFGGRVEMTVSKFMAIQEALQPDWFQCLSDGEASCAET
TSIKRARKSVDRSLLFLDSCLRLQEESEVLQKSVIIGVIEGGDVMEERLRSARETAKRPVGGFLLDGFQGDPAVTETRLH
LLSSVTAELPEDKPRLICGVSRPDEVLECIERGVDLFESFFPYQVTERGCALTFTFDCQLNPEETLLQQNGIQEKIKGLD
QAKKIEATGCNQEMTSFEINLKEKKYQEDFDPLVRGCSCYCCKNHTRAYIHHLLMTNELLAGVLLMMHNFEHYFGFFCSI
REALKNDTLAQLKELICRQMFGL
;
_entity_poly.pdbx_strand_id   A,B
#
# COMPACT_ATOMS: atom_id res chain seq x y z
N MET A 7 25.12 -7.58 -24.97
CA MET A 7 25.50 -6.64 -23.92
C MET A 7 27.02 -6.58 -23.76
N LYS A 8 27.51 -5.45 -23.27
CA LYS A 8 28.95 -5.20 -23.16
C LYS A 8 29.27 -4.80 -21.72
N LEU A 9 30.00 -5.67 -21.03
CA LEU A 9 30.50 -5.37 -19.69
C LEU A 9 31.90 -4.78 -19.81
N SER A 10 32.11 -3.61 -19.20
CA SER A 10 33.43 -3.00 -19.14
C SER A 10 33.83 -2.78 -17.69
N LEU A 11 35.04 -3.17 -17.34
CA LEU A 11 35.51 -3.06 -15.98
C LEU A 11 36.36 -1.82 -15.81
N ILE A 12 36.04 -1.02 -14.80
CA ILE A 12 36.87 0.14 -14.48
C ILE A 12 38.15 -0.31 -13.79
N LYS A 13 38.02 -1.11 -12.72
CA LYS A 13 39.17 -1.65 -12.04
C LYS A 13 38.75 -2.94 -11.35
N VAL A 14 39.73 -3.81 -11.08
CA VAL A 14 39.51 -5.05 -10.36
C VAL A 14 40.43 -5.02 -9.15
N VAL A 15 39.88 -4.67 -8.00
CA VAL A 15 40.65 -4.50 -6.77
C VAL A 15 40.41 -5.71 -5.86
N ASN A 16 41.47 -6.48 -5.63
CA ASN A 16 41.43 -7.63 -4.72
C ASN A 16 40.33 -8.61 -5.11
N GLY A 17 40.25 -8.89 -6.41
CA GLY A 17 39.24 -9.78 -6.95
C GLY A 17 37.87 -9.16 -7.13
N CYS A 18 37.63 -7.96 -6.60
CA CYS A 18 36.36 -7.28 -6.78
C CYS A 18 36.33 -6.54 -8.09
N ARG A 19 35.26 -6.76 -8.86
CA ARG A 19 35.10 -6.20 -10.20
C ARG A 19 34.24 -4.93 -10.12
N LEU A 20 34.85 -3.80 -10.40
CA LEU A 20 34.11 -2.54 -10.46
C LEU A 20 33.92 -2.18 -11.93
N GLY A 21 32.68 -1.96 -12.35
CA GLY A 21 32.44 -1.60 -13.73
C GLY A 21 30.98 -1.37 -14.03
N LYS A 22 30.65 -1.48 -15.31
CA LYS A 22 29.30 -1.20 -15.77
C LYS A 22 28.96 -2.12 -16.93
N ILE A 23 27.66 -2.42 -17.05
CA ILE A 23 27.12 -3.15 -18.20
C ILE A 23 26.32 -2.16 -19.04
N GLN A 24 26.72 -2.00 -20.28
CA GLN A 24 26.11 -1.06 -21.23
C GLN A 24 25.45 -1.83 -22.37
N ASN A 25 24.77 -1.07 -23.24
CA ASN A 25 24.07 -1.62 -24.41
C ASN A 25 22.96 -2.57 -23.97
N LEU A 26 22.33 -2.24 -22.84
CA LEU A 26 21.25 -3.04 -22.27
C LEU A 26 19.89 -2.65 -22.83
N GLY A 30 19.62 -0.82 -25.89
CA GLY A 30 20.96 -0.23 -25.94
C GLY A 30 21.01 1.23 -25.49
N ASP A 31 20.46 1.50 -24.30
CA ASP A 31 20.52 2.86 -23.77
C ASP A 31 20.58 2.81 -22.24
N CYS A 32 20.44 1.62 -21.67
CA CYS A 32 20.44 1.45 -20.22
C CYS A 32 21.79 0.94 -19.73
N THR A 33 22.12 1.31 -18.50
CA THR A 33 23.37 0.90 -17.85
C THR A 33 23.10 0.34 -16.46
N VAL A 34 23.75 -0.78 -16.15
CA VAL A 34 23.71 -1.38 -14.83
C VAL A 34 25.12 -1.34 -14.28
N ASP A 35 25.26 -0.83 -13.05
CA ASP A 35 26.54 -0.75 -12.39
C ASP A 35 26.84 -2.07 -11.68
N ILE A 36 28.12 -2.45 -11.69
CA ILE A 36 28.54 -3.60 -10.89
C ILE A 36 29.69 -3.20 -9.96
N PRO A 37 29.76 -3.80 -8.76
CA PRO A 37 28.77 -4.74 -8.21
C PRO A 37 27.47 -4.01 -7.88
N GLY A 38 26.34 -4.71 -7.95
CA GLY A 38 25.06 -4.05 -7.81
C GLY A 38 23.97 -5.06 -7.51
N CYS A 39 22.76 -4.56 -7.36
CA CYS A 39 21.64 -5.44 -7.20
C CYS A 39 20.60 -5.18 -8.28
N LEU A 40 19.67 -6.10 -8.37
CA LEU A 40 18.49 -5.99 -9.21
C LEU A 40 17.34 -5.65 -8.29
N LEU A 41 16.42 -4.83 -8.79
CA LEU A 41 15.22 -4.52 -8.02
C LEU A 41 14.41 -5.78 -7.76
N TYR A 42 14.06 -6.04 -6.50
CA TYR A 42 13.25 -7.20 -6.17
C TYR A 42 11.78 -6.91 -6.45
N THR A 43 11.17 -7.75 -7.30
CA THR A 43 9.73 -7.81 -7.43
C THR A 43 9.37 -9.27 -7.54
N ARG A 44 8.10 -9.58 -7.33
CA ARG A 44 7.63 -10.91 -7.64
C ARG A 44 6.99 -10.97 -9.02
N THR A 45 6.09 -10.02 -9.31
CA THR A 45 5.26 -10.04 -10.50
C THR A 45 5.67 -8.99 -11.52
N GLY A 46 6.73 -8.26 -11.27
CA GLY A 46 7.13 -7.17 -12.12
C GLY A 46 6.93 -5.82 -11.46
N SER A 47 6.01 -5.74 -10.50
CA SER A 47 5.80 -4.50 -9.77
C SER A 47 6.52 -4.58 -8.44
N ALA A 48 7.22 -3.51 -8.10
CA ALA A 48 7.91 -3.48 -6.81
C ALA A 48 6.88 -3.70 -5.71
N PRO A 49 7.23 -4.46 -4.67
CA PRO A 49 6.27 -4.74 -3.60
C PRO A 49 5.87 -3.46 -2.89
N HIS A 50 4.56 -3.25 -2.76
CA HIS A 50 3.93 -2.15 -2.05
C HIS A 50 3.94 -0.84 -2.82
N LEU A 51 4.58 -0.76 -3.99
CA LEU A 51 4.98 0.52 -4.55
C LEU A 51 4.41 0.69 -5.95
N THR A 52 3.64 1.77 -6.14
CA THR A 52 3.32 2.19 -7.48
C THR A 52 4.61 2.57 -8.21
N HIS A 53 4.55 2.55 -9.54
CA HIS A 53 5.72 2.91 -10.33
C HIS A 53 6.18 4.34 -10.04
N GLN A 54 5.21 5.24 -9.79
CA GLN A 54 5.55 6.60 -9.42
C GLN A 54 6.26 6.64 -8.07
N THR A 55 5.77 5.86 -7.10
CA THR A 55 6.41 5.80 -5.79
C THR A 55 7.82 5.21 -5.90
N LEU A 56 7.98 4.19 -6.75
CA LEU A 56 9.30 3.58 -6.95
C LEU A 56 10.30 4.58 -7.50
N ARG A 57 9.88 5.41 -8.46
CA ARG A 57 10.74 6.44 -9.03
C ARG A 57 11.08 7.55 -8.04
N ASN A 58 10.41 7.60 -6.89
CA ASN A 58 10.79 8.52 -5.83
C ASN A 58 11.83 7.94 -4.89
N ILE A 59 12.36 6.75 -5.18
CA ILE A 59 13.43 6.15 -4.39
C ILE A 59 14.75 6.44 -5.09
N HIS A 60 15.71 6.98 -4.35
CA HIS A 60 17.06 7.16 -4.89
C HIS A 60 17.76 5.82 -5.10
N GLY A 61 18.60 5.77 -6.14
CA GLY A 61 19.45 4.61 -6.37
C GLY A 61 18.79 3.35 -6.89
N VAL A 62 17.61 3.46 -7.51
CA VAL A 62 16.91 2.24 -7.98
C VAL A 62 17.70 1.57 -9.10
N PRO A 63 17.94 0.26 -9.03
CA PRO A 63 18.73 -0.41 -10.07
C PRO A 63 18.13 -0.28 -11.46
N GLY A 64 19.00 -0.42 -12.46
CA GLY A 64 18.59 -0.33 -13.85
C GLY A 64 17.81 -1.53 -14.36
N ILE A 65 17.80 -2.64 -13.65
CA ILE A 65 17.05 -3.78 -14.12
C ILE A 65 16.32 -4.40 -12.95
N ALA A 66 15.07 -4.81 -13.18
CA ALA A 66 14.22 -5.43 -12.16
C ALA A 66 14.14 -6.94 -12.36
N GLN A 67 14.09 -7.65 -11.24
CA GLN A 67 13.89 -9.09 -11.24
C GLN A 67 12.40 -9.40 -11.16
N LEU A 68 11.99 -10.38 -11.94
CA LEU A 68 10.71 -11.02 -11.73
C LEU A 68 10.94 -12.52 -11.80
N THR A 69 9.93 -13.29 -11.40
CA THR A 69 10.12 -14.71 -11.13
C THR A 69 9.04 -15.53 -11.81
N LEU A 70 9.42 -16.71 -12.31
CA LEU A 70 8.39 -17.62 -12.79
C LEU A 70 7.48 -18.10 -11.66
N SER A 71 7.98 -18.16 -10.42
CA SER A 71 7.13 -18.49 -9.28
C SER A 71 5.78 -17.76 -9.35
N SER A 72 5.82 -16.46 -9.61
CA SER A 72 4.57 -15.72 -9.63
C SER A 72 3.98 -15.57 -11.05
N LEU A 73 4.79 -15.65 -12.11
CA LEU A 73 4.26 -15.41 -13.45
C LEU A 73 3.84 -16.65 -14.24
N ALA A 74 4.44 -17.83 -14.01
CA ALA A 74 4.21 -18.94 -14.94
C ALA A 74 2.74 -19.35 -15.00
N GLU A 75 2.03 -19.25 -13.88
CA GLU A 75 0.60 -19.59 -13.81
C GLU A 75 -0.27 -18.71 -14.70
N HIS A 76 0.20 -17.53 -15.08
CA HIS A 76 -0.59 -16.59 -15.88
C HIS A 76 -0.05 -16.49 -17.29
N HIS A 77 0.61 -17.56 -17.74
CA HIS A 77 1.10 -17.66 -19.10
C HIS A 77 0.01 -17.31 -20.12
N GLU A 78 -1.18 -17.90 -19.95
CA GLU A 78 -2.22 -17.75 -20.96
C GLU A 78 -2.66 -16.29 -21.10
N VAL A 79 -2.83 -15.58 -19.98
CA VAL A 79 -3.13 -14.15 -20.03
C VAL A 79 -2.06 -13.41 -20.83
N LEU A 80 -0.79 -13.65 -20.50
CA LEU A 80 0.29 -12.90 -21.14
C LEU A 80 0.47 -13.27 -22.61
N ALA A 81 0.23 -14.53 -22.98
CA ALA A 81 0.28 -14.93 -24.38
C ALA A 81 -0.85 -14.27 -25.18
N GLU A 82 -2.06 -14.26 -24.60
CA GLU A 82 -3.17 -13.56 -25.22
C GLU A 82 -2.91 -12.06 -25.35
N TYR A 83 -2.22 -11.48 -24.36
CA TYR A 83 -1.91 -10.05 -24.40
C TYR A 83 -0.86 -9.71 -25.44
N LYS A 84 0.12 -10.60 -25.68
CA LYS A 84 1.13 -10.53 -26.73
C LYS A 84 2.25 -9.49 -26.56
N LYS A 85 2.00 -8.36 -25.89
CA LYS A 85 2.96 -7.25 -25.87
C LYS A 85 4.07 -7.38 -24.81
N GLY A 86 4.12 -8.48 -24.05
CA GLY A 86 5.18 -8.68 -23.08
C GLY A 86 4.82 -8.15 -21.70
N VAL A 87 5.58 -8.62 -20.70
CA VAL A 87 5.22 -8.34 -19.31
C VAL A 87 5.45 -6.87 -18.96
N GLY A 88 6.56 -6.28 -19.40
CA GLY A 88 6.79 -4.86 -19.13
C GLY A 88 5.63 -4.00 -19.58
N SER A 89 5.11 -4.28 -20.78
CA SER A 89 3.93 -3.56 -21.24
C SER A 89 2.71 -3.94 -20.41
N PHE A 90 2.63 -5.20 -19.97
CA PHE A 90 1.45 -5.64 -19.24
C PHE A 90 1.29 -4.91 -17.92
N ILE A 91 2.40 -4.66 -17.23
CA ILE A 91 2.35 -4.04 -15.91
C ILE A 91 2.47 -2.52 -16.06
N GLY A 92 2.47 -2.03 -17.30
CA GLY A 92 2.53 -0.60 -17.54
C GLY A 92 3.92 0.01 -17.52
N MET A 93 4.97 -0.78 -17.70
CA MET A 93 6.34 -0.26 -17.73
C MET A 93 7.04 -0.76 -19.00
N PRO A 94 6.55 -0.39 -20.18
CA PRO A 94 7.09 -0.98 -21.41
C PRO A 94 8.55 -0.69 -21.66
N GLU A 95 9.09 0.42 -21.14
CA GLU A 95 10.48 0.78 -21.37
C GLU A 95 11.44 0.20 -20.33
N SER A 96 10.92 -0.48 -19.30
CA SER A 96 11.72 -0.98 -18.20
C SER A 96 12.47 -2.26 -18.57
N LEU A 97 13.57 -2.50 -17.85
CA LEU A 97 14.41 -3.68 -18.05
C LEU A 97 14.04 -4.74 -17.03
N PHE A 98 13.89 -5.99 -17.49
CA PHE A 98 13.47 -7.09 -16.65
C PHE A 98 14.38 -8.29 -16.84
N TYR A 99 14.81 -8.88 -15.72
CA TYR A 99 15.45 -10.19 -15.63
C TYR A 99 14.47 -11.18 -15.02
N CYS A 100 14.23 -12.31 -15.71
CA CYS A 100 13.28 -13.31 -15.24
C CYS A 100 14.04 -14.49 -14.65
N SER A 101 13.94 -14.65 -13.33
CA SER A 101 14.51 -15.82 -12.69
C SER A 101 13.45 -16.90 -12.59
N LEU A 102 13.92 -18.13 -12.36
CA LEU A 102 13.04 -19.27 -12.21
C LEU A 102 12.24 -19.17 -10.91
N HIS A 103 12.92 -19.06 -9.78
CA HIS A 103 12.26 -19.09 -8.47
C HIS A 103 12.30 -17.72 -7.79
N ASP A 104 11.27 -17.48 -7.01
CA ASP A 104 11.22 -16.39 -6.06
C ASP A 104 12.10 -16.74 -4.87
N PRO A 105 13.14 -15.96 -4.58
CA PRO A 105 14.06 -16.34 -3.48
C PRO A 105 13.41 -16.36 -2.11
N VAL A 106 12.35 -15.57 -1.88
CA VAL A 106 11.71 -15.53 -0.57
C VAL A 106 10.81 -16.74 -0.35
N THR A 107 10.07 -17.16 -1.39
CA THR A 107 9.10 -18.26 -1.28
C THR A 107 9.25 -19.14 -2.52
N PRO A 108 10.29 -19.97 -2.57
CA PRO A 108 10.49 -20.81 -3.77
C PRO A 108 9.62 -22.05 -3.83
N GLY A 109 8.92 -22.40 -2.76
CA GLY A 109 8.15 -23.63 -2.71
C GLY A 109 9.05 -24.83 -2.45
N PRO A 110 8.46 -26.01 -2.39
CA PRO A 110 9.21 -27.21 -2.00
C PRO A 110 10.16 -27.71 -3.09
N ALA A 111 11.19 -28.42 -2.62
CA ALA A 111 12.17 -29.08 -3.45
C ALA A 111 11.71 -30.49 -3.80
N GLY A 112 12.38 -31.12 -4.75
CA GLY A 112 12.07 -32.50 -5.10
C GLY A 112 11.19 -32.70 -6.31
N TYR A 113 11.00 -31.67 -7.14
CA TYR A 113 10.17 -31.79 -8.34
C TYR A 113 10.98 -31.59 -9.62
N VAL A 114 12.29 -31.79 -9.57
CA VAL A 114 13.13 -31.68 -10.76
C VAL A 114 13.29 -33.06 -11.37
N THR A 115 13.11 -33.15 -12.69
CA THR A 115 13.57 -34.33 -13.42
C THR A 115 14.42 -33.89 -14.59
N SER A 116 14.83 -34.85 -15.43
CA SER A 116 15.54 -34.53 -16.65
C SER A 116 14.62 -33.96 -17.71
N LYS A 117 13.31 -34.07 -17.52
CA LYS A 117 12.38 -33.58 -18.52
C LYS A 117 11.66 -32.32 -18.10
N SER A 118 11.57 -32.03 -16.80
CA SER A 118 10.77 -30.86 -16.41
C SER A 118 11.26 -30.30 -15.09
N VAL A 119 11.00 -29.02 -14.90
CA VAL A 119 11.25 -28.33 -13.65
C VAL A 119 9.96 -27.64 -13.23
N SER A 120 9.69 -27.63 -11.92
CA SER A 120 8.46 -27.02 -11.42
C SER A 120 8.75 -25.74 -10.65
N VAL A 121 7.83 -24.78 -10.74
CA VAL A 121 7.82 -23.61 -9.89
C VAL A 121 6.50 -23.61 -9.15
N TRP A 122 6.42 -22.85 -8.06
CA TRP A 122 5.23 -22.80 -7.22
C TRP A 122 4.72 -21.37 -7.07
N GLY A 123 3.46 -21.14 -7.39
CA GLY A 123 2.88 -19.83 -7.22
C GLY A 123 1.68 -19.87 -6.30
N PHE A 124 0.92 -18.78 -6.26
CA PHE A 124 -0.22 -18.71 -5.36
C PHE A 124 -1.23 -19.81 -5.67
N GLY A 125 -1.41 -20.12 -6.95
CA GLY A 125 -2.34 -21.16 -7.32
C GLY A 125 -1.78 -22.56 -7.42
N GLY A 126 -0.54 -22.79 -6.98
CA GLY A 126 -0.02 -24.15 -7.02
C GLY A 126 1.16 -24.39 -7.95
N ARG A 127 1.42 -25.65 -8.27
CA ARG A 127 2.61 -26.05 -9.01
C ARG A 127 2.44 -25.80 -10.50
N VAL A 128 3.50 -25.31 -11.14
CA VAL A 128 3.54 -25.24 -12.61
C VAL A 128 4.75 -26.06 -13.07
N GLU A 129 4.49 -27.10 -13.84
CA GLU A 129 5.51 -28.00 -14.34
C GLU A 129 5.90 -27.58 -15.75
N MET A 130 7.19 -27.34 -15.99
CA MET A 130 7.65 -26.82 -17.27
C MET A 130 8.68 -27.77 -17.88
N THR A 131 8.33 -28.39 -19.01
CA THR A 131 9.32 -28.91 -19.96
C THR A 131 10.10 -27.74 -20.54
N VAL A 132 11.12 -28.04 -21.35
CA VAL A 132 11.89 -26.98 -22.00
C VAL A 132 10.99 -26.15 -22.92
N SER A 133 10.15 -26.82 -23.72
CA SER A 133 9.35 -26.07 -24.69
C SER A 133 8.26 -25.27 -24.00
N LYS A 134 7.66 -25.81 -22.94
CA LYS A 134 6.73 -25.01 -22.14
C LYS A 134 7.43 -23.78 -21.54
N PHE A 135 8.62 -23.98 -20.99
CA PHE A 135 9.39 -22.87 -20.42
C PHE A 135 9.67 -21.80 -21.48
N MET A 136 10.10 -22.21 -22.68
CA MET A 136 10.41 -21.23 -23.71
C MET A 136 9.16 -20.55 -24.24
N ALA A 137 8.02 -21.25 -24.26
CA ALA A 137 6.77 -20.59 -24.64
C ALA A 137 6.44 -19.48 -23.64
N ILE A 138 6.63 -19.75 -22.36
CA ILE A 138 6.39 -18.74 -21.33
C ILE A 138 7.32 -17.55 -21.52
N GLN A 139 8.60 -17.80 -21.75
CA GLN A 139 9.51 -16.69 -22.01
C GLN A 139 9.10 -15.90 -23.25
N GLU A 140 8.55 -16.57 -24.26
CA GLU A 140 8.08 -15.83 -25.44
C GLU A 140 6.92 -14.92 -25.08
N ALA A 141 6.05 -15.34 -24.16
CA ALA A 141 4.97 -14.47 -23.71
C ALA A 141 5.51 -13.34 -22.84
N LEU A 142 6.47 -13.63 -21.96
CA LEU A 142 6.96 -12.60 -21.02
C LEU A 142 7.83 -11.57 -21.74
N GLN A 143 8.64 -12.02 -22.68
CA GLN A 143 9.60 -11.17 -23.37
C GLN A 143 10.48 -10.39 -22.40
N PRO A 144 11.17 -11.07 -21.49
CA PRO A 144 12.09 -10.36 -20.59
C PRO A 144 13.37 -10.01 -21.33
N ASP A 145 14.05 -8.98 -20.82
CA ASP A 145 15.34 -8.64 -21.41
C ASP A 145 16.39 -9.72 -21.15
N TRP A 146 16.41 -10.27 -19.93
CA TRP A 146 17.26 -11.39 -19.54
C TRP A 146 16.41 -12.50 -18.95
N PHE A 147 16.83 -13.75 -19.12
CA PHE A 147 16.14 -14.78 -18.36
C PHE A 147 17.10 -15.88 -17.97
N GLN A 148 16.93 -16.37 -16.72
CA GLN A 148 17.60 -17.58 -16.28
C GLN A 148 17.13 -18.77 -17.09
N CYS A 149 18.08 -19.53 -17.63
CA CYS A 149 17.71 -20.75 -18.33
C CYS A 149 17.15 -21.76 -17.33
N LEU A 150 16.15 -22.51 -17.79
CA LEU A 150 15.68 -23.68 -17.03
C LEU A 150 16.88 -24.47 -16.55
N SER A 151 16.88 -24.84 -15.28
CA SER A 151 18.06 -25.45 -14.70
C SER A 151 17.64 -26.30 -13.51
N ASP A 152 18.55 -27.18 -13.12
CA ASP A 152 18.38 -28.07 -11.97
C ASP A 152 19.28 -27.55 -10.84
N GLY A 153 18.69 -26.77 -9.92
CA GLY A 153 19.50 -26.22 -8.85
C GLY A 153 19.40 -26.95 -7.53
N GLU A 154 18.96 -28.21 -7.56
CA GLU A 154 18.61 -28.91 -6.34
C GLU A 154 19.60 -30.01 -5.93
N ALA A 155 20.81 -30.05 -6.52
CA ALA A 155 21.79 -31.05 -6.06
C ALA A 155 22.06 -30.93 -4.57
N SER A 156 22.24 -29.71 -4.07
CA SER A 156 22.55 -29.57 -2.66
C SER A 156 21.33 -29.75 -1.75
N CYS A 157 20.12 -29.89 -2.30
CA CYS A 157 18.94 -30.17 -1.50
C CYS A 157 18.84 -31.64 -1.08
N ALA A 158 19.59 -32.53 -1.71
CA ALA A 158 19.55 -33.92 -1.30
C ALA A 158 20.03 -34.06 0.15
N GLU A 159 19.63 -35.16 0.79
CA GLU A 159 19.98 -35.37 2.18
C GLU A 159 21.50 -35.45 2.37
N THR A 160 22.22 -35.93 1.36
CA THR A 160 23.67 -35.98 1.40
C THR A 160 24.23 -35.48 0.09
N THR A 161 25.55 -35.31 0.07
CA THR A 161 26.28 -34.95 -1.13
C THR A 161 26.64 -36.22 -1.89
N SER A 162 26.15 -36.38 -3.11
CA SER A 162 26.51 -37.55 -3.88
C SER A 162 27.03 -37.13 -5.25
N ILE A 163 28.02 -37.87 -5.76
CA ILE A 163 28.49 -37.64 -7.13
C ILE A 163 27.33 -37.72 -8.11
N LYS A 164 26.51 -38.77 -7.98
CA LYS A 164 25.47 -39.02 -8.98
C LYS A 164 24.49 -37.85 -9.04
N ARG A 165 24.07 -37.32 -7.89
CA ARG A 165 23.10 -36.23 -7.90
C ARG A 165 23.73 -34.95 -8.46
N ALA A 166 25.01 -34.72 -8.15
CA ALA A 166 25.66 -33.52 -8.66
C ALA A 166 25.86 -33.59 -10.17
N ARG A 167 26.32 -34.75 -10.65
CA ARG A 167 26.48 -34.99 -12.08
C ARG A 167 25.18 -34.75 -12.83
N LYS A 168 24.07 -35.27 -12.31
CA LYS A 168 22.76 -35.05 -12.94
C LYS A 168 22.42 -33.56 -13.04
N SER A 169 22.73 -32.78 -11.98
CA SER A 169 22.41 -31.36 -12.07
C SER A 169 23.19 -30.68 -13.18
N VAL A 170 24.45 -31.08 -13.36
CA VAL A 170 25.26 -30.49 -14.42
C VAL A 170 24.73 -30.88 -15.79
N ASP A 171 24.50 -32.19 -16.01
CA ASP A 171 24.10 -32.70 -17.33
C ASP A 171 22.69 -32.24 -17.69
N ARG A 172 21.74 -32.39 -16.76
CA ARG A 172 20.39 -31.84 -17.02
C ARG A 172 20.48 -30.36 -17.42
N SER A 173 21.29 -29.58 -16.70
CA SER A 173 21.33 -28.14 -16.95
C SER A 173 21.98 -27.81 -18.29
N LEU A 174 22.97 -28.60 -18.71
CA LEU A 174 23.54 -28.36 -20.04
C LEU A 174 22.56 -28.75 -21.13
N LEU A 175 21.78 -29.79 -20.93
CA LEU A 175 20.81 -30.20 -21.94
C LEU A 175 19.68 -29.17 -22.05
N PHE A 176 19.14 -28.73 -20.91
CA PHE A 176 18.19 -27.60 -20.94
C PHE A 176 18.79 -26.40 -21.65
N LEU A 177 20.06 -26.08 -21.35
CA LEU A 177 20.67 -24.91 -21.94
C LEU A 177 20.75 -25.01 -23.45
N ASP A 178 21.25 -26.15 -23.97
CA ASP A 178 21.38 -26.28 -25.42
C ASP A 178 20.02 -26.32 -26.09
N SER A 179 19.02 -26.92 -25.43
CA SER A 179 17.67 -26.94 -26.02
C SER A 179 17.06 -25.54 -26.04
N CYS A 180 17.22 -24.79 -24.94
CA CYS A 180 16.69 -23.43 -24.90
C CYS A 180 17.40 -22.53 -25.91
N LEU A 181 18.71 -22.70 -26.08
CA LEU A 181 19.41 -21.94 -27.11
C LEU A 181 18.85 -22.25 -28.49
N ARG A 182 18.56 -23.52 -28.78
CA ARG A 182 18.01 -23.88 -30.08
C ARG A 182 16.65 -23.23 -30.30
N LEU A 183 15.77 -23.34 -29.29
CA LEU A 183 14.44 -22.74 -29.40
C LEU A 183 14.49 -21.22 -29.50
N GLN A 184 15.46 -20.59 -28.84
CA GLN A 184 15.59 -19.14 -28.94
C GLN A 184 15.96 -18.71 -30.34
N GLU A 185 16.83 -19.50 -31.00
CA GLU A 185 17.24 -19.16 -32.35
C GLU A 185 16.06 -19.18 -33.31
N GLU A 186 15.02 -19.97 -33.00
CA GLU A 186 13.83 -20.06 -33.83
C GLU A 186 12.74 -19.09 -33.39
N SER A 187 13.04 -18.21 -32.44
CA SER A 187 12.02 -17.37 -31.84
C SER A 187 12.30 -15.93 -32.23
N GLU A 188 11.41 -15.36 -33.05
CA GLU A 188 11.56 -13.96 -33.42
C GLU A 188 11.50 -13.06 -32.19
N VAL A 189 10.59 -13.37 -31.26
CA VAL A 189 10.32 -12.44 -30.17
C VAL A 189 11.38 -12.53 -29.08
N LEU A 190 12.16 -13.61 -29.04
CA LEU A 190 13.21 -13.76 -28.05
C LEU A 190 14.57 -13.38 -28.60
N GLN A 191 14.59 -12.70 -29.75
CA GLN A 191 15.86 -12.39 -30.41
C GLN A 191 16.61 -11.32 -29.64
N LYS A 192 15.90 -10.36 -29.09
CA LYS A 192 16.53 -9.33 -28.27
C LYS A 192 16.65 -9.73 -26.80
N SER A 193 16.25 -10.94 -26.44
CA SER A 193 16.43 -11.41 -25.08
C SER A 193 17.77 -12.10 -24.90
N VAL A 194 18.28 -12.06 -23.67
CA VAL A 194 19.58 -12.61 -23.33
C VAL A 194 19.35 -13.76 -22.37
N ILE A 195 19.99 -14.90 -22.65
CA ILE A 195 19.86 -16.07 -21.80
C ILE A 195 21.04 -16.09 -20.82
N ILE A 196 20.75 -16.43 -19.57
CA ILE A 196 21.75 -16.53 -18.52
C ILE A 196 21.96 -18.02 -18.25
N GLY A 197 23.19 -18.50 -18.47
CA GLY A 197 23.52 -19.89 -18.15
C GLY A 197 23.68 -20.08 -16.66
N VAL A 198 23.37 -21.27 -16.16
CA VAL A 198 23.31 -21.51 -14.72
C VAL A 198 24.36 -22.54 -14.32
N ILE A 199 25.27 -22.14 -13.45
CA ILE A 199 26.30 -23.05 -12.96
C ILE A 199 25.70 -23.91 -11.85
N GLU A 200 25.80 -25.22 -12.01
CA GLU A 200 25.25 -26.12 -10.99
C GLU A 200 26.37 -27.04 -10.51
N GLY A 201 26.04 -28.26 -10.12
CA GLY A 201 27.04 -29.16 -9.58
C GLY A 201 27.05 -29.30 -8.07
N GLY A 202 26.22 -28.55 -7.36
CA GLY A 202 26.11 -28.74 -5.92
C GLY A 202 27.43 -28.56 -5.18
N ASP A 203 27.67 -29.43 -4.20
CA ASP A 203 28.81 -29.27 -3.32
C ASP A 203 29.99 -30.16 -3.73
N VAL A 204 29.99 -30.70 -4.94
CA VAL A 204 31.07 -31.54 -5.43
C VAL A 204 31.98 -30.68 -6.30
N MET A 205 33.22 -30.46 -5.84
CA MET A 205 34.13 -29.53 -6.53
CA MET A 205 34.13 -29.54 -6.53
C MET A 205 34.22 -29.85 -8.03
N GLU A 206 34.53 -31.11 -8.37
CA GLU A 206 34.77 -31.44 -9.77
C GLU A 206 33.55 -31.15 -10.64
N GLU A 207 32.35 -31.45 -10.16
CA GLU A 207 31.15 -31.18 -10.95
C GLU A 207 30.83 -29.68 -11.02
N ARG A 208 31.12 -28.92 -9.95
CA ARG A 208 31.04 -27.47 -10.05
C ARG A 208 31.92 -26.94 -11.17
N LEU A 209 33.19 -27.38 -11.19
CA LEU A 209 34.13 -26.89 -12.20
C LEU A 209 33.70 -27.33 -13.60
N ARG A 210 33.29 -28.59 -13.76
CA ARG A 210 32.78 -29.03 -15.05
C ARG A 210 31.58 -28.17 -15.49
N SER A 211 30.67 -27.84 -14.57
CA SER A 211 29.53 -27.02 -14.95
C SER A 211 29.99 -25.66 -15.40
N ALA A 212 30.95 -25.07 -14.69
CA ALA A 212 31.47 -23.76 -15.07
C ALA A 212 32.12 -23.80 -16.45
N ARG A 213 32.98 -24.78 -16.69
CA ARG A 213 33.72 -24.82 -17.95
C ARG A 213 32.79 -25.08 -19.13
N GLU A 214 31.88 -26.04 -18.98
CA GLU A 214 30.96 -26.38 -20.07
C GLU A 214 29.97 -25.25 -20.34
N THR A 215 29.43 -24.63 -19.29
CA THR A 215 28.47 -23.55 -19.50
C THR A 215 29.11 -22.37 -20.21
N ALA A 216 30.36 -22.06 -19.88
CA ALA A 216 31.07 -20.95 -20.53
C ALA A 216 31.33 -21.21 -22.01
N LYS A 217 31.28 -22.47 -22.46
CA LYS A 217 31.41 -22.74 -23.89
C LYS A 217 30.19 -22.31 -24.69
N ARG A 218 29.03 -22.11 -24.02
CA ARG A 218 27.85 -21.69 -24.77
C ARG A 218 27.79 -20.17 -24.85
N PRO A 219 27.17 -19.60 -25.89
CA PRO A 219 27.10 -18.14 -26.04
C PRO A 219 26.05 -17.50 -25.14
N VAL A 220 26.08 -17.83 -23.85
CA VAL A 220 25.17 -17.18 -22.93
C VAL A 220 25.65 -15.75 -22.68
N GLY A 221 24.72 -14.89 -22.25
CA GLY A 221 25.08 -13.51 -21.97
C GLY A 221 25.74 -13.30 -20.61
N GLY A 222 25.55 -14.24 -19.70
CA GLY A 222 26.13 -14.16 -18.37
C GLY A 222 25.87 -15.46 -17.64
N PHE A 223 26.25 -15.50 -16.36
CA PHE A 223 26.12 -16.73 -15.58
C PHE A 223 25.41 -16.48 -14.26
N LEU A 224 24.56 -17.42 -13.88
CA LEU A 224 23.90 -17.40 -12.58
C LEU A 224 24.56 -18.44 -11.70
N LEU A 225 25.04 -18.02 -10.55
CA LEU A 225 25.66 -18.92 -9.58
C LEU A 225 24.56 -19.49 -8.68
N ASP A 226 24.15 -20.71 -8.95
CA ASP A 226 22.99 -21.31 -8.30
C ASP A 226 23.44 -22.30 -7.23
N GLY A 227 22.67 -22.37 -6.14
CA GLY A 227 22.89 -23.36 -5.11
C GLY A 227 23.87 -22.99 -4.02
N PHE A 228 24.26 -21.71 -3.93
CA PHE A 228 25.17 -21.25 -2.88
C PHE A 228 24.44 -20.65 -1.69
N GLN A 229 23.11 -20.56 -1.73
CA GLN A 229 22.41 -19.83 -0.70
C GLN A 229 22.51 -20.57 0.63
N GLY A 230 22.57 -19.81 1.72
CA GLY A 230 22.80 -20.39 3.03
C GLY A 230 21.90 -19.81 4.10
N ASP A 231 21.82 -20.55 5.20
CA ASP A 231 21.08 -20.15 6.41
C ASP A 231 22.03 -20.17 7.61
N PRO A 232 22.28 -18.99 8.21
CA PRO A 232 21.70 -17.71 7.81
C PRO A 232 22.38 -17.11 6.58
N ALA A 233 23.63 -17.50 6.35
CA ALA A 233 24.44 -16.91 5.30
C ALA A 233 25.26 -17.99 4.63
N VAL A 234 25.84 -17.63 3.47
CA VAL A 234 26.65 -18.57 2.71
C VAL A 234 27.78 -19.09 3.58
N THR A 235 27.91 -20.42 3.66
CA THR A 235 28.93 -21.03 4.51
C THR A 235 30.33 -20.79 3.95
N GLU A 236 31.32 -20.97 4.81
CA GLU A 236 32.70 -20.79 4.40
C GLU A 236 33.10 -21.82 3.35
N THR A 237 32.61 -23.06 3.47
CA THR A 237 32.87 -24.05 2.43
C THR A 237 32.31 -23.57 1.08
N ARG A 238 31.13 -22.97 1.08
CA ARG A 238 30.57 -22.57 -0.21
C ARG A 238 31.21 -21.32 -0.76
N LEU A 239 31.75 -20.45 0.10
CA LEU A 239 32.54 -19.34 -0.40
C LEU A 239 33.78 -19.86 -1.12
N HIS A 240 34.47 -20.86 -0.54
CA HIS A 240 35.59 -21.50 -1.22
C HIS A 240 35.17 -22.07 -2.55
N LEU A 241 34.02 -22.78 -2.56
CA LEU A 241 33.50 -23.34 -3.79
C LEU A 241 33.20 -22.23 -4.80
N LEU A 242 32.60 -21.13 -4.34
CA LEU A 242 32.27 -20.01 -5.22
C LEU A 242 33.50 -19.46 -5.94
N SER A 243 34.59 -19.21 -5.19
CA SER A 243 35.74 -18.59 -5.84
C SER A 243 36.47 -19.55 -6.78
N SER A 244 36.39 -20.86 -6.53
CA SER A 244 36.87 -21.83 -7.52
C SER A 244 36.07 -21.74 -8.82
N VAL A 245 34.76 -21.51 -8.71
CA VAL A 245 33.91 -21.46 -9.89
C VAL A 245 34.17 -20.18 -10.69
N THR A 246 34.17 -19.03 -10.02
CA THR A 246 34.31 -17.76 -10.74
C THR A 246 35.67 -17.65 -11.40
N ALA A 247 36.69 -18.33 -10.85
CA ALA A 247 37.99 -18.38 -11.48
C ALA A 247 37.90 -19.01 -12.87
N GLU A 248 36.92 -19.88 -13.08
CA GLU A 248 36.71 -20.52 -14.37
C GLU A 248 35.84 -19.71 -15.30
N LEU A 249 35.23 -18.69 -14.82
CA LEU A 249 34.35 -18.00 -15.75
C LEU A 249 35.10 -16.88 -16.45
N PRO A 250 34.72 -16.56 -17.69
CA PRO A 250 35.35 -15.44 -18.38
C PRO A 250 35.10 -14.14 -17.63
N GLU A 251 36.07 -13.22 -17.71
CA GLU A 251 35.96 -11.99 -16.94
C GLU A 251 34.99 -10.99 -17.55
N ASP A 252 34.70 -11.09 -18.85
CA ASP A 252 33.94 -10.07 -19.55
C ASP A 252 32.45 -10.37 -19.63
N LYS A 253 31.95 -11.26 -18.76
CA LYS A 253 30.52 -11.51 -18.68
C LYS A 253 30.07 -11.40 -17.22
N PRO A 254 28.87 -10.87 -16.97
CA PRO A 254 28.44 -10.65 -15.59
C PRO A 254 28.09 -11.93 -14.86
N ARG A 255 28.36 -11.94 -13.54
CA ARG A 255 28.04 -13.06 -12.66
C ARG A 255 26.92 -12.67 -11.71
N LEU A 256 25.80 -13.37 -11.81
CA LEU A 256 24.67 -13.20 -10.91
C LEU A 256 24.67 -14.32 -9.88
N ILE A 257 24.10 -14.04 -8.71
CA ILE A 257 23.91 -15.07 -7.69
C ILE A 257 22.51 -14.93 -7.14
N CYS A 258 21.87 -16.05 -6.82
CA CYS A 258 20.50 -16.05 -6.35
C CYS A 258 20.46 -16.49 -4.90
N GLY A 259 19.51 -15.94 -4.14
CA GLY A 259 19.34 -16.32 -2.75
C GLY A 259 20.37 -15.75 -1.81
N VAL A 260 21.12 -14.73 -2.24
CA VAL A 260 22.18 -14.15 -1.42
C VAL A 260 21.97 -12.65 -1.45
N SER A 261 21.49 -12.09 -0.35
CA SER A 261 21.11 -10.67 -0.31
C SER A 261 21.49 -9.95 0.99
N ARG A 262 21.78 -10.66 2.09
CA ARG A 262 22.17 -10.00 3.32
C ARG A 262 23.53 -9.32 3.16
N PRO A 263 23.71 -8.11 3.71
CA PRO A 263 24.92 -7.33 3.40
C PRO A 263 26.25 -8.04 3.65
N ASP A 264 26.36 -8.85 4.71
CA ASP A 264 27.63 -9.53 4.98
C ASP A 264 27.92 -10.58 3.90
N GLU A 265 26.89 -11.35 3.51
CA GLU A 265 27.03 -12.33 2.42
C GLU A 265 27.40 -11.65 1.12
N VAL A 266 26.73 -10.53 0.82
CA VAL A 266 26.99 -9.81 -0.41
C VAL A 266 28.47 -9.45 -0.52
N LEU A 267 29.05 -8.93 0.57
CA LEU A 267 30.43 -8.51 0.52
C LEU A 267 31.38 -9.69 0.33
N GLU A 268 31.10 -10.82 1.00
CA GLU A 268 31.90 -12.03 0.77
C GLU A 268 31.86 -12.46 -0.70
N CYS A 269 30.70 -12.35 -1.35
CA CYS A 269 30.60 -12.86 -2.72
C CYS A 269 31.21 -11.90 -3.74
N ILE A 270 31.14 -10.61 -3.48
CA ILE A 270 31.80 -9.64 -4.36
C ILE A 270 33.31 -9.87 -4.35
N GLU A 271 33.88 -10.06 -3.15
CA GLU A 271 35.31 -10.39 -3.01
C GLU A 271 35.70 -11.59 -3.85
N ARG A 272 34.74 -12.46 -4.16
CA ARG A 272 35.00 -13.66 -4.95
C ARG A 272 34.47 -13.55 -6.37
N GLY A 273 34.27 -12.32 -6.86
CA GLY A 273 34.01 -12.09 -8.27
C GLY A 273 32.56 -12.16 -8.70
N VAL A 274 31.59 -12.05 -7.78
CA VAL A 274 30.17 -12.01 -8.13
C VAL A 274 29.74 -10.56 -8.31
N ASP A 275 28.94 -10.30 -9.34
CA ASP A 275 28.59 -8.95 -9.75
C ASP A 275 27.19 -8.51 -9.33
N LEU A 276 26.19 -9.37 -9.42
CA LEU A 276 24.82 -8.88 -9.31
C LEU A 276 24.04 -9.73 -8.31
N PHE A 277 23.26 -9.04 -7.49
CA PHE A 277 22.60 -9.68 -6.36
C PHE A 277 21.12 -9.35 -6.40
N GLU A 278 20.32 -10.23 -5.82
CA GLU A 278 18.90 -9.97 -5.60
C GLU A 278 18.72 -9.09 -4.38
N SER A 279 17.74 -8.18 -4.44
CA SER A 279 17.47 -7.27 -3.34
C SER A 279 16.24 -7.68 -2.55
N PHE A 280 16.07 -8.98 -2.26
CA PHE A 280 14.94 -9.38 -1.44
C PHE A 280 15.13 -9.13 0.03
N PHE A 281 16.37 -8.89 0.50
CA PHE A 281 16.57 -8.66 1.92
C PHE A 281 15.76 -7.48 2.44
N PRO A 282 15.82 -6.28 1.84
CA PRO A 282 14.99 -5.19 2.39
C PRO A 282 13.50 -5.48 2.34
N TYR A 283 13.05 -6.34 1.42
CA TYR A 283 11.65 -6.76 1.41
C TYR A 283 11.34 -7.60 2.64
N GLN A 284 12.21 -8.56 2.96
CA GLN A 284 12.04 -9.36 4.17
C GLN A 284 11.99 -8.49 5.42
N VAL A 285 12.88 -7.49 5.49
CA VAL A 285 12.89 -6.58 6.62
C VAL A 285 11.54 -5.88 6.74
N THR A 286 11.05 -5.34 5.62
CA THR A 286 9.74 -4.69 5.60
C THR A 286 8.63 -5.61 6.09
N GLU A 287 8.62 -6.87 5.62
CA GLU A 287 7.53 -7.78 5.94
C GLU A 287 7.47 -8.14 7.41
N ARG A 288 8.56 -8.01 8.17
CA ARG A 288 8.47 -8.24 9.61
C ARG A 288 8.36 -6.94 10.39
N GLY A 289 7.91 -5.85 9.74
CA GLY A 289 7.71 -4.56 10.41
C GLY A 289 8.98 -3.88 10.89
N CYS A 290 10.10 -4.11 10.19
CA CYS A 290 11.40 -3.61 10.63
C CYS A 290 11.98 -2.61 9.63
N ALA A 291 12.99 -1.87 10.09
CA ALA A 291 13.70 -0.89 9.28
C ALA A 291 15.20 -1.12 9.38
N LEU A 292 15.89 -1.09 8.24
CA LEU A 292 17.35 -1.13 8.24
C LEU A 292 17.93 0.15 8.82
N THR A 293 18.85 0.01 9.76
CA THR A 293 19.53 1.15 10.33
C THR A 293 21.05 1.07 10.23
N PHE A 294 21.62 -0.06 9.80
CA PHE A 294 23.06 -0.21 9.81
C PHE A 294 23.72 0.90 8.99
N THR A 295 24.95 1.24 9.37
CA THR A 295 25.71 2.32 8.76
C THR A 295 26.65 1.78 7.71
N PHE A 296 26.75 2.49 6.58
CA PHE A 296 27.63 2.07 5.50
C PHE A 296 28.53 3.20 4.98
N ASP A 297 28.67 4.29 5.73
CA ASP A 297 29.51 5.42 5.31
C ASP A 297 30.98 5.06 5.19
N GLU A 333 14.35 -14.35 13.19
CA GLU A 333 14.31 -13.93 11.80
C GLU A 333 14.86 -12.51 11.63
N MET A 334 14.67 -11.65 12.63
CA MET A 334 15.17 -10.28 12.55
C MET A 334 16.66 -10.23 12.90
N THR A 335 17.41 -9.44 12.12
CA THR A 335 18.87 -9.35 12.21
C THR A 335 19.31 -8.13 13.03
N SER A 336 20.64 -8.00 13.22
CA SER A 336 21.21 -6.89 13.98
C SER A 336 21.31 -5.60 13.17
N PHE A 337 21.15 -5.67 11.86
CA PHE A 337 21.22 -4.49 11.01
C PHE A 337 19.98 -3.57 11.11
N GLU A 338 19.02 -3.86 11.98
CA GLU A 338 17.68 -3.28 11.85
C GLU A 338 17.06 -2.94 13.20
N ILE A 339 15.99 -2.15 13.16
CA ILE A 339 15.11 -1.97 14.32
C ILE A 339 13.73 -2.49 13.97
N ASN A 340 12.98 -2.89 15.01
CA ASN A 340 11.62 -3.45 14.93
C ASN A 340 10.61 -2.40 15.39
N LEU A 341 9.87 -1.80 14.45
CA LEU A 341 9.02 -0.67 14.81
C LEU A 341 7.75 -1.05 15.56
N LYS A 342 7.43 -2.34 15.67
CA LYS A 342 6.30 -2.74 16.50
C LYS A 342 6.62 -2.57 17.99
N GLU A 343 7.89 -2.58 18.38
CA GLU A 343 8.27 -2.50 19.79
C GLU A 343 7.83 -1.18 20.44
N LYS A 344 7.41 -1.26 21.70
CA LYS A 344 6.85 -0.08 22.38
C LYS A 344 7.87 1.04 22.51
N LYS A 345 9.16 0.68 22.60
CA LYS A 345 10.24 1.64 22.75
C LYS A 345 10.28 2.69 21.63
N TYR A 346 9.55 2.48 20.54
CA TYR A 346 9.49 3.46 19.46
C TYR A 346 8.21 4.28 19.45
N GLN A 347 7.28 4.01 20.38
CA GLN A 347 5.99 4.70 20.33
C GLN A 347 6.14 6.20 20.56
N GLU A 348 7.16 6.62 21.32
CA GLU A 348 7.41 8.03 21.58
C GLU A 348 8.78 8.45 21.07
N ASP A 349 9.32 7.74 20.08
CA ASP A 349 10.60 8.07 19.45
C ASP A 349 10.31 8.94 18.23
N PHE A 350 10.52 10.26 18.36
CA PHE A 350 10.18 11.20 17.30
C PHE A 350 11.37 11.57 16.41
N ASP A 351 12.37 10.69 16.31
CA ASP A 351 13.44 10.70 15.32
C ASP A 351 13.01 9.95 14.07
N PRO A 352 13.62 10.24 12.92
CA PRO A 352 13.36 9.44 11.71
C PRO A 352 13.91 8.03 11.89
N LEU A 353 13.51 7.14 10.98
CA LEU A 353 14.11 5.80 10.96
C LEU A 353 15.63 5.90 10.95
N VAL A 354 16.18 6.70 10.05
CA VAL A 354 17.62 6.88 9.96
C VAL A 354 17.89 8.37 9.82
N ARG A 355 18.70 8.91 10.73
CA ARG A 355 19.07 10.32 10.61
C ARG A 355 19.90 10.54 9.36
N GLY A 356 19.53 11.53 8.57
CA GLY A 356 20.25 11.82 7.34
C GLY A 356 19.83 10.98 6.15
N CYS A 357 18.87 10.08 6.30
CA CYS A 357 18.33 9.35 5.16
C CYS A 357 17.50 10.28 4.28
N SER A 358 17.64 10.11 2.96
CA SER A 358 16.96 10.97 2.01
C SER A 358 15.65 10.39 1.52
N CYS A 359 15.22 9.26 2.08
CA CYS A 359 14.01 8.63 1.56
C CYS A 359 12.81 9.44 1.98
N TYR A 360 11.69 9.21 1.27
CA TYR A 360 10.45 9.90 1.58
C TYR A 360 10.06 9.73 3.04
N CYS A 361 10.24 8.53 3.59
CA CYS A 361 9.80 8.28 4.96
C CYS A 361 10.63 9.08 5.96
N CYS A 362 11.96 9.05 5.81
CA CYS A 362 12.80 9.77 6.76
C CYS A 362 12.77 11.28 6.52
N LYS A 363 12.47 11.74 5.31
CA LYS A 363 12.32 13.17 5.09
C LYS A 363 11.09 13.73 5.77
N ASN A 364 10.07 12.91 6.05
CA ASN A 364 8.77 13.43 6.48
C ASN A 364 8.21 12.82 7.74
N HIS A 365 8.67 11.66 8.19
CA HIS A 365 7.96 10.93 9.22
C HIS A 365 8.91 10.50 10.32
N THR A 366 8.33 10.12 11.44
CA THR A 366 9.05 9.71 12.63
C THR A 366 8.86 8.23 12.85
N ARG A 367 9.73 7.65 13.69
CA ARG A 367 9.53 6.27 14.14
C ARG A 367 8.20 6.12 14.85
N ALA A 368 7.86 7.09 15.72
CA ALA A 368 6.61 7.05 16.46
C ALA A 368 5.43 6.96 15.51
N TYR A 369 5.49 7.69 14.39
CA TYR A 369 4.43 7.62 13.40
C TYR A 369 4.33 6.23 12.77
N ILE A 370 5.48 5.66 12.38
CA ILE A 370 5.48 4.34 11.78
C ILE A 370 4.95 3.31 12.77
N HIS A 371 5.40 3.39 14.02
CA HIS A 371 4.89 2.51 15.07
C HIS A 371 3.37 2.60 15.16
N HIS A 372 2.84 3.83 15.11
CA HIS A 372 1.40 4.03 15.22
C HIS A 372 0.66 3.40 14.03
N LEU A 373 1.20 3.59 12.82
CA LEU A 373 0.62 2.97 11.63
C LEU A 373 0.55 1.45 11.78
N LEU A 374 1.62 0.83 12.25
CA LEU A 374 1.59 -0.62 12.49
C LEU A 374 0.57 -0.98 13.55
N MET A 375 0.54 -0.23 14.66
CA MET A 375 -0.36 -0.51 15.77
C MET A 375 -1.81 -0.36 15.33
N THR A 376 -2.11 0.67 14.55
CA THR A 376 -3.47 0.91 14.11
C THR A 376 -3.80 0.13 12.84
N ASN A 377 -2.96 -0.84 12.48
CA ASN A 377 -3.26 -1.81 11.42
C ASN A 377 -3.44 -1.15 10.05
N GLU A 378 -2.52 -0.25 9.73
N GLU A 378 -2.50 -0.28 9.68
CA GLU A 378 -2.47 0.44 8.46
CA GLU A 378 -2.57 0.48 8.43
C GLU A 378 -1.43 -0.23 7.56
C GLU A 378 -1.46 0.02 7.50
N LEU A 379 -1.85 -0.59 6.35
CA LEU A 379 -0.88 -1.06 5.35
C LEU A 379 0.03 0.05 4.85
N LEU A 380 -0.32 1.32 5.10
CA LEU A 380 0.57 2.41 4.77
C LEU A 380 1.93 2.24 5.42
N ALA A 381 1.97 1.60 6.60
CA ALA A 381 3.24 1.30 7.24
C ALA A 381 4.16 0.52 6.32
N GLY A 382 3.61 -0.48 5.63
CA GLY A 382 4.44 -1.31 4.74
C GLY A 382 4.97 -0.53 3.56
N VAL A 383 4.15 0.37 3.01
CA VAL A 383 4.58 1.24 1.92
C VAL A 383 5.78 2.07 2.35
N LEU A 384 5.67 2.72 3.52
CA LEU A 384 6.73 3.61 3.97
C LEU A 384 8.00 2.85 4.34
N LEU A 385 7.87 1.72 5.04
CA LEU A 385 9.04 0.91 5.36
C LEU A 385 9.73 0.40 4.10
N MET A 386 8.96 -0.06 3.10
CA MET A 386 9.57 -0.55 1.88
C MET A 386 10.35 0.57 1.18
N MET A 387 9.80 1.78 1.19
CA MET A 387 10.50 2.91 0.59
C MET A 387 11.87 3.09 1.23
N HIS A 388 11.90 3.09 2.57
CA HIS A 388 13.15 3.31 3.29
C HIS A 388 14.09 2.12 3.14
N ASN A 389 13.56 0.91 3.28
CA ASN A 389 14.45 -0.25 3.25
C ASN A 389 15.11 -0.40 1.89
N PHE A 390 14.37 -0.17 0.81
CA PHE A 390 14.98 -0.17 -0.52
C PHE A 390 16.03 0.93 -0.63
N GLU A 391 15.65 2.15 -0.24
CA GLU A 391 16.56 3.28 -0.35
C GLU A 391 17.84 3.02 0.46
N HIS A 392 17.70 2.48 1.67
CA HIS A 392 18.87 2.18 2.48
C HIS A 392 19.74 1.11 1.81
N TYR A 393 19.11 0.04 1.31
CA TYR A 393 19.84 -1.05 0.67
C TYR A 393 20.53 -0.58 -0.60
N PHE A 394 19.84 0.25 -1.40
CA PHE A 394 20.46 0.78 -2.61
C PHE A 394 21.62 1.71 -2.27
N GLY A 395 21.47 2.50 -1.19
CA GLY A 395 22.58 3.33 -0.76
C GLY A 395 23.79 2.50 -0.34
N PHE A 396 23.52 1.33 0.26
CA PHE A 396 24.59 0.43 0.66
C PHE A 396 25.39 -0.03 -0.55
N PHE A 397 24.71 -0.33 -1.67
CA PHE A 397 25.44 -0.73 -2.86
C PHE A 397 26.21 0.44 -3.46
N CYS A 398 25.61 1.64 -3.51
CA CYS A 398 26.36 2.84 -3.90
CA CYS A 398 26.36 2.82 -3.90
C CYS A 398 27.64 2.96 -3.08
N SER A 399 27.53 2.69 -1.79
CA SER A 399 28.69 2.77 -0.88
C SER A 399 29.70 1.67 -1.16
N ILE A 400 29.25 0.46 -1.55
CA ILE A 400 30.20 -0.57 -1.95
C ILE A 400 31.03 -0.09 -3.12
N ARG A 401 30.36 0.42 -4.17
CA ARG A 401 31.07 0.84 -5.36
C ARG A 401 32.02 2.00 -5.04
N GLU A 402 31.59 2.91 -4.17
CA GLU A 402 32.48 3.99 -3.77
C GLU A 402 33.71 3.43 -3.06
N ALA A 403 33.53 2.41 -2.22
CA ALA A 403 34.66 1.83 -1.51
C ALA A 403 35.64 1.14 -2.47
N LEU A 404 35.13 0.50 -3.53
CA LEU A 404 36.03 -0.07 -4.52
C LEU A 404 36.82 1.02 -5.24
N LYS A 405 36.17 2.14 -5.56
CA LYS A 405 36.87 3.25 -6.22
C LYS A 405 38.02 3.75 -5.36
N ASN A 406 37.75 3.95 -4.07
CA ASN A 406 38.74 4.44 -3.11
C ASN A 406 39.61 3.34 -2.52
N ASP A 407 39.44 2.09 -2.94
CA ASP A 407 40.21 0.95 -2.38
C ASP A 407 40.05 0.85 -0.86
N THR A 408 38.83 1.05 -0.37
CA THR A 408 38.55 1.00 1.06
C THR A 408 37.47 -0.04 1.40
N LEU A 409 37.31 -1.07 0.55
CA LEU A 409 36.23 -2.04 0.79
C LEU A 409 36.44 -2.79 2.10
N ALA A 410 37.69 -3.08 2.45
CA ALA A 410 37.95 -3.83 3.69
C ALA A 410 37.40 -3.09 4.91
N GLN A 411 37.44 -1.75 4.90
CA GLN A 411 36.89 -0.99 6.00
C GLN A 411 35.37 -1.06 6.03
N LEU A 412 34.72 -0.99 4.86
CA LEU A 412 33.28 -1.20 4.80
C LEU A 412 32.92 -2.59 5.33
N LYS A 413 33.65 -3.62 4.90
CA LYS A 413 33.34 -4.97 5.35
C LYS A 413 33.38 -5.05 6.87
N GLU A 414 34.45 -4.52 7.49
CA GLU A 414 34.53 -4.57 8.94
C GLU A 414 33.41 -3.75 9.58
N LEU A 415 33.10 -2.60 9.01
CA LEU A 415 32.00 -1.79 9.54
C LEU A 415 30.68 -2.56 9.50
N ILE A 416 30.48 -3.36 8.46
CA ILE A 416 29.24 -4.16 8.34
C ILE A 416 29.26 -5.31 9.34
N CYS A 417 30.35 -6.08 9.36
CA CYS A 417 30.35 -7.27 10.18
C CYS A 417 30.36 -6.91 11.66
N ARG A 418 30.93 -5.76 12.03
CA ARG A 418 30.87 -5.31 13.41
C ARG A 418 29.44 -5.08 13.87
N GLN A 419 28.59 -4.60 12.96
CA GLN A 419 27.18 -4.40 13.32
C GLN A 419 26.36 -5.68 13.20
N MET A 420 26.90 -6.74 12.57
CA MET A 420 26.13 -7.98 12.43
C MET A 420 26.08 -8.78 13.73
N PHE A 421 27.17 -8.79 14.50
CA PHE A 421 27.22 -9.52 15.76
C PHE A 421 26.22 -8.98 16.78
N ARG B 5 -20.17 31.57 14.16
CA ARG B 5 -18.81 31.98 13.79
C ARG B 5 -17.88 30.77 13.66
N MET B 6 -16.58 31.06 13.64
CA MET B 6 -15.52 30.07 13.42
C MET B 6 -15.60 29.43 12.04
N MET B 7 -16.58 29.88 11.23
CA MET B 7 -16.73 29.50 9.82
C MET B 7 -17.90 30.25 9.16
N LYS B 8 -17.85 30.43 7.83
CA LYS B 8 -18.86 31.20 7.12
C LYS B 8 -19.44 30.34 6.01
N LEU B 9 -20.68 29.89 6.21
CA LEU B 9 -21.38 29.14 5.20
C LEU B 9 -22.20 30.10 4.36
N SER B 10 -22.00 30.07 3.05
CA SER B 10 -22.76 30.88 2.10
C SER B 10 -23.42 29.95 1.08
N LEU B 11 -24.68 30.21 0.79
CA LEU B 11 -25.45 29.43 -0.15
C LEU B 11 -25.53 30.17 -1.47
N ILE B 12 -25.23 29.47 -2.57
CA ILE B 12 -25.45 30.03 -3.90
C ILE B 12 -26.93 29.99 -4.24
N LYS B 13 -27.53 28.82 -4.13
CA LYS B 13 -28.97 28.66 -4.28
C LYS B 13 -29.39 27.39 -3.57
N VAL B 14 -30.69 27.30 -3.28
CA VAL B 14 -31.32 26.14 -2.68
C VAL B 14 -32.37 25.66 -3.66
N VAL B 15 -32.04 24.62 -4.42
CA VAL B 15 -32.94 24.11 -5.46
C VAL B 15 -33.57 22.81 -4.95
N ASN B 16 -34.89 22.83 -4.78
CA ASN B 16 -35.66 21.68 -4.30
C ASN B 16 -35.10 21.15 -2.98
N GLY B 17 -34.80 22.07 -2.07
CA GLY B 17 -34.27 21.69 -0.78
C GLY B 17 -32.79 21.37 -0.76
N CYS B 18 -32.14 21.23 -1.92
CA CYS B 18 -30.70 20.98 -1.96
C CYS B 18 -29.94 22.29 -1.80
N ARG B 19 -29.00 22.30 -0.86
CA ARG B 19 -28.22 23.48 -0.53
C ARG B 19 -26.90 23.46 -1.30
N LEU B 20 -26.79 24.34 -2.29
CA LEU B 20 -25.57 24.50 -3.06
C LEU B 20 -24.84 25.71 -2.54
N GLY B 21 -23.60 25.52 -2.10
CA GLY B 21 -22.86 26.64 -1.56
C GLY B 21 -21.46 26.26 -1.17
N LYS B 22 -20.88 27.06 -0.28
CA LYS B 22 -19.52 26.80 0.17
C LYS B 22 -19.40 27.24 1.62
N ILE B 23 -18.50 26.58 2.34
CA ILE B 23 -18.13 26.97 3.70
C ILE B 23 -16.73 27.57 3.63
N GLN B 24 -16.60 28.84 4.01
CA GLN B 24 -15.33 29.55 3.94
C GLN B 24 -14.80 29.83 5.34
N ASN B 25 -13.51 30.18 5.40
CA ASN B 25 -12.83 30.53 6.65
C ASN B 25 -12.89 29.40 7.66
N LEU B 26 -12.96 28.16 7.22
CA LEU B 26 -13.06 27.13 8.24
C LEU B 26 -11.68 26.58 8.60
N GLY B 27 -11.63 25.85 9.71
CA GLY B 27 -10.40 25.25 10.18
C GLY B 27 -9.70 26.10 11.21
N LYS B 28 -8.70 25.49 11.86
CA LYS B 28 -8.03 26.18 12.96
C LYS B 28 -7.38 27.48 12.51
N ALA B 29 -6.91 27.55 11.26
CA ALA B 29 -6.32 28.77 10.72
C ALA B 29 -7.32 29.67 10.00
N GLY B 30 -8.58 29.24 9.87
CA GLY B 30 -9.61 29.97 9.15
C GLY B 30 -9.26 30.39 7.74
N ASP B 31 -8.81 29.43 6.93
CA ASP B 31 -8.33 29.74 5.58
C ASP B 31 -8.73 28.69 4.55
N CYS B 32 -9.49 27.69 4.93
CA CYS B 32 -9.93 26.65 4.01
C CYS B 32 -11.35 26.93 3.54
N THR B 33 -11.65 26.49 2.33
CA THR B 33 -12.98 26.63 1.74
C THR B 33 -13.40 25.24 1.29
N VAL B 34 -14.60 24.82 1.69
CA VAL B 34 -15.19 23.54 1.32
C VAL B 34 -16.49 23.81 0.57
N ASP B 35 -16.67 23.09 -0.54
CA ASP B 35 -17.91 23.16 -1.30
C ASP B 35 -18.95 22.22 -0.70
N ILE B 36 -20.21 22.64 -0.76
CA ILE B 36 -21.31 21.77 -0.37
C ILE B 36 -22.36 21.72 -1.48
N PRO B 37 -23.07 20.58 -1.62
CA PRO B 37 -22.86 19.34 -0.86
C PRO B 37 -21.50 18.72 -1.16
N GLY B 38 -20.95 17.97 -0.22
CA GLY B 38 -19.60 17.48 -0.37
C GLY B 38 -19.38 16.31 0.57
N CYS B 39 -18.20 15.71 0.47
CA CYS B 39 -17.85 14.65 1.40
C CYS B 39 -16.54 15.00 2.07
N LEU B 40 -16.24 14.28 3.14
CA LEU B 40 -14.96 14.38 3.82
C LEU B 40 -14.09 13.18 3.42
N LEU B 41 -12.78 13.39 3.36
CA LEU B 41 -11.87 12.28 3.11
C LEU B 41 -11.99 11.26 4.24
N TYR B 42 -12.23 9.99 3.89
CA TYR B 42 -12.32 8.96 4.93
C TYR B 42 -10.91 8.51 5.35
N THR B 43 -10.62 8.63 6.64
CA THR B 43 -9.47 7.97 7.26
C THR B 43 -9.91 7.45 8.62
N ARG B 44 -9.11 6.54 9.17
CA ARG B 44 -9.31 6.12 10.55
C ARG B 44 -8.43 6.91 11.50
N THR B 45 -7.14 7.04 11.18
CA THR B 45 -6.14 7.60 12.07
C THR B 45 -5.57 8.93 11.60
N GLY B 46 -6.08 9.49 10.52
CA GLY B 46 -5.58 10.75 9.98
C GLY B 46 -4.86 10.60 8.65
N SER B 47 -4.30 9.43 8.39
CA SER B 47 -3.66 9.14 7.10
C SER B 47 -4.64 8.34 6.29
N ALA B 48 -4.78 8.69 5.02
CA ALA B 48 -5.70 7.97 4.15
C ALA B 48 -5.32 6.50 4.09
N PRO B 49 -6.29 5.58 4.03
CA PRO B 49 -5.94 4.16 3.94
C PRO B 49 -5.15 3.88 2.67
N HIS B 50 -4.01 3.21 2.83
CA HIS B 50 -3.15 2.70 1.78
C HIS B 50 -2.26 3.76 1.15
N LEU B 51 -2.40 5.02 1.53
CA LEU B 51 -1.92 6.13 0.69
C LEU B 51 -0.98 7.04 1.47
N THR B 52 0.23 7.20 0.97
CA THR B 52 1.09 8.25 1.50
C THR B 52 0.49 9.62 1.23
N HIS B 53 0.92 10.61 2.01
CA HIS B 53 0.45 11.98 1.82
C HIS B 53 0.73 12.44 0.39
N GLN B 54 1.87 12.02 -0.17
CA GLN B 54 2.18 12.34 -1.56
C GLN B 54 1.25 11.63 -2.54
N THR B 55 0.97 10.34 -2.32
CA THR B 55 0.10 9.61 -3.24
C THR B 55 -1.31 10.18 -3.22
N LEU B 56 -1.78 10.53 -2.02
CA LEU B 56 -3.09 11.14 -1.89
C LEU B 56 -3.19 12.41 -2.71
N ARG B 57 -2.11 13.20 -2.75
CA ARG B 57 -2.08 14.41 -3.57
C ARG B 57 -2.14 14.13 -5.07
N ASN B 58 -1.91 12.88 -5.50
CA ASN B 58 -2.08 12.50 -6.89
C ASN B 58 -3.51 12.09 -7.22
N ILE B 59 -4.44 12.24 -6.29
CA ILE B 59 -5.86 11.99 -6.50
C ILE B 59 -6.55 13.33 -6.76
N HIS B 60 -7.35 13.39 -7.81
CA HIS B 60 -8.04 14.63 -8.16
C HIS B 60 -9.27 14.82 -7.27
N GLY B 61 -9.51 16.06 -6.84
CA GLY B 61 -10.72 16.36 -6.12
C GLY B 61 -10.73 15.98 -4.66
N VAL B 62 -9.59 15.80 -4.02
CA VAL B 62 -9.60 15.37 -2.61
C VAL B 62 -10.25 16.45 -1.76
N PRO B 63 -11.19 16.11 -0.88
CA PRO B 63 -11.87 17.12 -0.06
C PRO B 63 -10.92 17.91 0.82
N GLY B 64 -11.34 19.12 1.20
CA GLY B 64 -10.51 19.95 2.05
C GLY B 64 -10.47 19.53 3.50
N ILE B 65 -11.40 18.69 3.94
CA ILE B 65 -11.44 18.24 5.32
C ILE B 65 -11.34 16.72 5.31
N ALA B 66 -10.53 16.19 6.21
CA ALA B 66 -10.43 14.75 6.39
C ALA B 66 -11.11 14.34 7.69
N GLN B 67 -11.79 13.20 7.64
CA GLN B 67 -12.33 12.58 8.83
C GLN B 67 -11.26 11.71 9.46
N LEU B 68 -11.18 11.74 10.79
CA LEU B 68 -10.54 10.70 11.55
C LEU B 68 -11.51 10.32 12.68
N THR B 69 -11.23 9.21 13.36
CA THR B 69 -12.23 8.64 14.24
C THR B 69 -11.63 8.42 15.62
N LEU B 70 -12.41 8.74 16.66
CA LEU B 70 -11.98 8.49 18.03
C LEU B 70 -11.84 7.00 18.32
N SER B 71 -12.65 6.19 17.64
CA SER B 71 -12.56 4.74 17.72
C SER B 71 -11.12 4.24 17.60
N SER B 72 -10.40 4.72 16.60
CA SER B 72 -9.08 4.19 16.32
C SER B 72 -7.97 4.92 17.07
N LEU B 73 -8.19 6.16 17.49
CA LEU B 73 -7.17 6.98 18.15
C LEU B 73 -7.21 6.92 19.67
N ALA B 74 -8.36 6.59 20.26
CA ALA B 74 -8.51 6.75 21.70
C ALA B 74 -7.50 5.94 22.49
N GLU B 75 -7.14 4.75 21.99
CA GLU B 75 -6.14 3.93 22.66
C GLU B 75 -4.79 4.59 22.73
N HIS B 76 -4.52 5.57 21.86
CA HIS B 76 -3.21 6.19 21.81
C HIS B 76 -3.21 7.56 22.45
N HIS B 77 -4.17 7.79 23.34
CA HIS B 77 -4.29 9.06 24.05
C HIS B 77 -3.00 9.45 24.77
N GLU B 78 -2.39 8.51 25.50
CA GLU B 78 -1.21 8.85 26.31
C GLU B 78 -0.07 9.34 25.43
N VAL B 79 0.21 8.63 24.34
CA VAL B 79 1.28 9.04 23.41
C VAL B 79 0.99 10.43 22.87
N LEU B 80 -0.23 10.63 22.37
CA LEU B 80 -0.55 11.90 21.73
C LEU B 80 -0.59 13.03 22.74
N ALA B 81 -1.01 12.76 23.97
CA ALA B 81 -1.04 13.82 24.98
C ALA B 81 0.36 14.27 25.35
N GLU B 82 1.28 13.32 25.52
CA GLU B 82 2.66 13.68 25.79
C GLU B 82 3.27 14.43 24.61
N TYR B 83 2.95 13.99 23.39
CA TYR B 83 3.43 14.65 22.18
C TYR B 83 2.93 16.09 22.08
N LYS B 84 1.65 16.30 22.39
CA LYS B 84 0.93 17.55 22.61
C LYS B 84 0.78 18.50 21.41
N LYS B 85 1.45 18.22 20.30
CA LYS B 85 1.35 19.14 19.17
C LYS B 85 0.19 18.86 18.22
N GLY B 86 -0.62 17.83 18.47
CA GLY B 86 -1.81 17.50 17.70
C GLY B 86 -1.58 16.42 16.65
N VAL B 87 -2.69 15.84 16.17
CA VAL B 87 -2.60 14.73 15.23
C VAL B 87 -2.01 15.19 13.90
N GLY B 88 -2.44 16.36 13.42
CA GLY B 88 -1.91 16.82 12.15
C GLY B 88 -0.40 16.89 12.14
N SER B 89 0.17 17.41 13.22
CA SER B 89 1.61 17.46 13.37
C SER B 89 2.21 16.07 13.57
N PHE B 90 1.50 15.18 14.26
CA PHE B 90 1.99 13.83 14.53
C PHE B 90 2.21 13.04 13.24
N ILE B 91 1.35 13.23 12.25
CA ILE B 91 1.43 12.46 11.01
C ILE B 91 2.23 13.19 9.94
N GLY B 92 2.87 14.31 10.30
CA GLY B 92 3.68 15.02 9.33
C GLY B 92 2.90 15.92 8.39
N MET B 93 1.69 16.33 8.76
CA MET B 93 0.86 17.24 7.96
C MET B 93 0.21 18.27 8.86
N PRO B 94 0.97 19.24 9.37
CA PRO B 94 0.38 20.24 10.29
C PRO B 94 -0.73 21.07 9.64
N GLU B 95 -0.71 21.26 8.33
CA GLU B 95 -1.70 22.12 7.70
C GLU B 95 -3.01 21.42 7.39
N SER B 96 -3.15 20.14 7.70
CA SER B 96 -4.36 19.40 7.33
C SER B 96 -5.53 19.80 8.21
N LEU B 97 -6.72 19.64 7.66
CA LEU B 97 -7.97 19.89 8.38
C LEU B 97 -8.62 18.58 8.77
N PHE B 98 -9.01 18.46 10.04
CA PHE B 98 -9.58 17.21 10.51
C PHE B 98 -10.89 17.43 11.22
N TYR B 99 -11.88 16.61 10.86
CA TYR B 99 -13.10 16.42 11.62
C TYR B 99 -12.99 15.08 12.33
N CYS B 100 -13.19 15.10 13.65
CA CYS B 100 -13.05 13.90 14.46
C CYS B 100 -14.44 13.35 14.80
N SER B 101 -14.80 12.23 14.18
CA SER B 101 -16.05 11.62 14.56
C SER B 101 -15.82 10.72 15.77
N LEU B 102 -16.92 10.43 16.47
CA LEU B 102 -16.84 9.53 17.62
C LEU B 102 -16.47 8.11 17.18
N HIS B 103 -17.25 7.54 16.25
CA HIS B 103 -17.09 6.16 15.82
C HIS B 103 -16.58 6.08 14.38
N ASP B 104 -15.91 4.98 14.09
CA ASP B 104 -15.61 4.61 12.71
C ASP B 104 -16.87 4.04 12.07
N PRO B 105 -17.43 4.67 11.03
CA PRO B 105 -18.67 4.12 10.40
C PRO B 105 -18.46 2.73 9.79
N VAL B 106 -17.23 2.39 9.42
CA VAL B 106 -16.96 1.09 8.79
C VAL B 106 -17.06 -0.03 9.80
N THR B 107 -16.59 0.19 11.02
CA THR B 107 -16.52 -0.85 12.03
C THR B 107 -17.03 -0.33 13.36
N PRO B 108 -18.33 -0.21 13.52
CA PRO B 108 -18.88 0.24 14.79
C PRO B 108 -18.95 -0.93 15.75
N GLY B 109 -18.93 -0.61 17.03
CA GLY B 109 -18.92 -1.63 18.04
C GLY B 109 -20.30 -2.07 18.42
N PRO B 110 -20.40 -2.94 19.42
CA PRO B 110 -21.72 -3.40 19.86
C PRO B 110 -22.46 -2.26 20.55
N ALA B 111 -23.78 -2.38 20.56
CA ALA B 111 -24.62 -1.40 21.22
C ALA B 111 -24.83 -1.78 22.68
N GLY B 112 -25.30 -0.82 23.47
CA GLY B 112 -25.63 -1.06 24.85
C GLY B 112 -24.59 -0.67 25.88
N TYR B 113 -23.56 0.08 25.48
CA TYR B 113 -22.54 0.56 26.42
C TYR B 113 -22.70 2.03 26.76
N VAL B 114 -23.77 2.67 26.33
CA VAL B 114 -23.98 4.09 26.62
C VAL B 114 -24.67 4.22 27.96
N THR B 115 -24.15 5.09 28.80
CA THR B 115 -24.86 5.47 30.01
C THR B 115 -24.98 6.98 30.03
N SER B 116 -25.50 7.54 31.13
CA SER B 116 -25.51 8.98 31.33
C SER B 116 -24.15 9.53 31.71
N LYS B 117 -23.19 8.67 32.05
CA LYS B 117 -21.86 9.12 32.42
C LYS B 117 -20.80 8.85 31.37
N SER B 118 -21.01 7.89 30.46
CA SER B 118 -19.93 7.53 29.53
C SER B 118 -20.48 6.90 28.25
N VAL B 119 -19.64 6.96 27.22
CA VAL B 119 -19.87 6.29 25.95
C VAL B 119 -18.61 5.48 25.68
N SER B 120 -18.77 4.31 25.09
CA SER B 120 -17.62 3.47 24.78
C SER B 120 -17.36 3.47 23.28
N VAL B 121 -16.08 3.38 22.92
CA VAL B 121 -15.67 3.16 21.55
C VAL B 121 -14.78 1.93 21.53
N TRP B 122 -14.66 1.33 20.35
CA TRP B 122 -13.82 0.15 20.17
C TRP B 122 -12.75 0.45 19.14
N GLY B 123 -11.49 0.27 19.52
CA GLY B 123 -10.36 0.39 18.63
C GLY B 123 -9.73 -0.97 18.36
N PHE B 124 -8.54 -0.92 17.75
CA PHE B 124 -7.86 -2.16 17.39
C PHE B 124 -7.56 -3.01 18.63
N GLY B 125 -7.23 -2.38 19.75
CA GLY B 125 -6.95 -3.06 20.99
C GLY B 125 -8.11 -3.26 21.93
N GLY B 126 -9.34 -3.00 21.50
CA GLY B 126 -10.47 -3.24 22.38
C GLY B 126 -11.23 -1.99 22.80
N ARG B 127 -12.04 -2.15 23.84
CA ARG B 127 -13.00 -1.13 24.25
C ARG B 127 -12.37 -0.05 25.10
N VAL B 128 -12.79 1.19 24.89
CA VAL B 128 -12.34 2.35 25.67
C VAL B 128 -13.57 3.10 26.16
N GLU B 129 -13.72 3.23 27.46
CA GLU B 129 -14.86 3.91 28.06
C GLU B 129 -14.54 5.38 28.31
N MET B 130 -15.36 6.27 27.78
CA MET B 130 -15.04 7.68 27.89
C MET B 130 -16.14 8.42 28.63
N THR B 131 -15.81 8.89 29.82
CA THR B 131 -16.55 9.97 30.44
C THR B 131 -16.40 11.24 29.60
N VAL B 132 -17.12 12.29 30.01
CA VAL B 132 -16.97 13.56 29.32
C VAL B 132 -15.55 14.10 29.49
N SER B 133 -15.00 14.02 30.69
CA SER B 133 -13.68 14.60 30.90
C SER B 133 -12.58 13.79 30.19
N LYS B 134 -12.69 12.45 30.20
CA LYS B 134 -11.76 11.65 29.40
C LYS B 134 -11.88 11.98 27.90
N PHE B 135 -13.11 12.12 27.39
CA PHE B 135 -13.32 12.47 25.98
C PHE B 135 -12.69 13.83 25.64
N MET B 136 -12.89 14.83 26.48
CA MET B 136 -12.30 16.14 26.21
C MET B 136 -10.79 16.11 26.34
N ALA B 137 -10.26 15.31 27.26
CA ALA B 137 -8.80 15.18 27.35
C ALA B 137 -8.24 14.65 26.04
N ILE B 138 -8.92 13.66 25.45
CA ILE B 138 -8.47 13.12 24.18
C ILE B 138 -8.53 14.18 23.09
N GLN B 139 -9.62 14.95 23.04
CA GLN B 139 -9.71 16.02 22.04
C GLN B 139 -8.58 17.03 22.21
N GLU B 140 -8.18 17.29 23.46
CA GLU B 140 -7.05 18.16 23.70
C GLU B 140 -5.76 17.57 23.14
N ALA B 141 -5.60 16.24 23.19
CA ALA B 141 -4.43 15.63 22.56
C ALA B 141 -4.53 15.69 21.04
N LEU B 142 -5.70 15.42 20.47
CA LEU B 142 -5.81 15.35 19.01
C LEU B 142 -5.80 16.73 18.36
N GLN B 143 -6.48 17.70 18.98
CA GLN B 143 -6.68 19.03 18.43
C GLN B 143 -7.25 19.06 17.01
N PRO B 144 -8.41 18.45 16.80
CA PRO B 144 -9.03 18.52 15.47
C PRO B 144 -9.67 19.88 15.27
N ASP B 145 -9.81 20.25 14.00
CA ASP B 145 -10.50 21.48 13.64
C ASP B 145 -11.99 21.41 13.99
N TRP B 146 -12.62 20.26 13.71
CA TRP B 146 -13.99 19.97 14.09
C TRP B 146 -14.02 18.69 14.89
N PHE B 147 -14.95 18.59 15.85
CA PHE B 147 -15.15 17.29 16.47
C PHE B 147 -16.61 17.09 16.86
N GLN B 148 -17.10 15.88 16.55
CA GLN B 148 -18.40 15.43 17.03
C GLN B 148 -18.42 15.39 18.55
N CYS B 149 -19.44 16.01 19.13
CA CYS B 149 -19.59 15.93 20.57
C CYS B 149 -19.91 14.51 21.00
N LEU B 150 -19.44 14.16 22.18
CA LEU B 150 -19.89 12.95 22.83
C LEU B 150 -21.42 12.92 22.79
N SER B 151 -21.98 11.78 22.38
CA SER B 151 -23.41 11.71 22.11
C SER B 151 -23.92 10.28 22.30
N ASP B 152 -25.23 10.18 22.48
CA ASP B 152 -25.95 8.92 22.65
C ASP B 152 -26.73 8.66 21.37
N GLY B 153 -26.19 7.81 20.51
CA GLY B 153 -26.86 7.53 19.25
C GLY B 153 -27.60 6.21 19.20
N GLU B 154 -27.92 5.62 20.34
CA GLU B 154 -28.41 4.25 20.36
C GLU B 154 -29.89 4.13 20.66
N ALA B 155 -30.66 5.22 20.58
CA ALA B 155 -32.09 5.11 20.78
C ALA B 155 -32.72 4.11 19.81
N SER B 156 -32.31 4.13 18.54
CA SER B 156 -32.89 3.22 17.55
C SER B 156 -32.38 1.78 17.68
N CYS B 157 -31.36 1.54 18.51
CA CYS B 157 -30.89 0.19 18.71
C CYS B 157 -31.80 -0.64 19.60
N ALA B 158 -32.72 -0.01 20.34
CA ALA B 158 -33.66 -0.77 21.16
C ALA B 158 -34.54 -1.67 20.30
N GLU B 159 -35.09 -2.71 20.92
CA GLU B 159 -35.96 -3.63 20.19
C GLU B 159 -37.21 -2.93 19.67
N THR B 160 -37.70 -1.92 20.37
CA THR B 160 -38.89 -1.16 19.96
C THR B 160 -38.63 0.34 20.09
N THR B 161 -39.56 1.12 19.54
CA THR B 161 -39.50 2.58 19.63
C THR B 161 -40.21 3.01 20.90
N SER B 162 -39.47 3.57 21.84
CA SER B 162 -40.10 4.03 23.07
C SER B 162 -39.79 5.49 23.31
N ILE B 163 -40.79 6.21 23.85
CA ILE B 163 -40.60 7.61 24.24
C ILE B 163 -39.42 7.74 25.19
N LYS B 164 -39.38 6.87 26.21
CA LYS B 164 -38.39 6.98 27.27
C LYS B 164 -36.97 6.86 26.71
N ARG B 165 -36.72 5.87 25.85
CA ARG B 165 -35.39 5.74 25.28
C ARG B 165 -35.03 6.91 24.38
N ALA B 166 -36.00 7.43 23.62
CA ALA B 166 -35.69 8.56 22.75
C ALA B 166 -35.45 9.80 23.57
N ARG B 167 -36.29 10.05 24.56
CA ARG B 167 -36.12 11.21 25.42
C ARG B 167 -34.74 11.18 26.08
N LYS B 168 -34.35 10.03 26.63
CA LYS B 168 -33.06 9.89 27.28
C LYS B 168 -31.91 10.23 26.34
N SER B 169 -31.99 9.81 25.07
CA SER B 169 -30.89 10.11 24.15
C SER B 169 -30.75 11.62 23.94
N VAL B 170 -31.87 12.34 23.90
CA VAL B 170 -31.83 13.79 23.73
C VAL B 170 -31.17 14.44 24.94
N ASP B 171 -31.64 14.07 26.15
CA ASP B 171 -31.16 14.70 27.38
C ASP B 171 -29.71 14.34 27.68
N ARG B 172 -29.34 13.05 27.55
CA ARG B 172 -27.93 12.68 27.67
C ARG B 172 -27.07 13.50 26.73
N SER B 173 -27.51 13.63 25.48
CA SER B 173 -26.67 14.31 24.51
C SER B 173 -26.54 15.80 24.80
N LEU B 174 -27.61 16.43 25.34
CA LEU B 174 -27.50 17.83 25.75
C LEU B 174 -26.63 17.96 26.99
N LEU B 175 -26.69 16.99 27.91
CA LEU B 175 -25.82 17.07 29.08
C LEU B 175 -24.36 16.96 28.67
N PHE B 176 -24.04 15.98 27.80
CA PHE B 176 -22.71 15.89 27.23
C PHE B 176 -22.31 17.18 26.54
N LEU B 177 -23.22 17.76 25.75
CA LEU B 177 -22.88 18.95 24.96
C LEU B 177 -22.53 20.12 25.87
N ASP B 178 -23.36 20.42 26.87
CA ASP B 178 -23.10 21.57 27.72
C ASP B 178 -21.84 21.37 28.54
N SER B 179 -21.56 20.12 28.94
CA SER B 179 -20.34 19.83 29.70
C SER B 179 -19.09 19.99 28.85
N CYS B 180 -19.13 19.49 27.60
CA CYS B 180 -17.97 19.62 26.73
C CYS B 180 -17.71 21.08 26.37
N LEU B 181 -18.77 21.86 26.16
CA LEU B 181 -18.60 23.28 25.91
C LEU B 181 -17.94 23.97 27.09
N ARG B 182 -18.35 23.59 28.31
CA ARG B 182 -17.76 24.17 29.52
C ARG B 182 -16.28 23.81 29.60
N LEU B 183 -15.95 22.52 29.40
CA LEU B 183 -14.55 22.13 29.43
C LEU B 183 -13.76 22.76 28.29
N GLN B 184 -14.38 22.95 27.12
CA GLN B 184 -13.67 23.63 26.04
C GLN B 184 -13.35 25.08 26.39
N GLU B 185 -14.26 25.78 27.09
CA GLU B 185 -13.99 27.17 27.46
C GLU B 185 -12.76 27.31 28.34
N GLU B 186 -12.43 26.27 29.10
CA GLU B 186 -11.29 26.27 30.02
C GLU B 186 -10.03 25.67 29.42
N SER B 187 -9.98 25.45 28.11
CA SER B 187 -8.91 24.71 27.47
C SER B 187 -8.11 25.63 26.54
N GLU B 188 -6.81 25.79 26.83
CA GLU B 188 -5.94 26.61 25.98
C GLU B 188 -5.87 26.04 24.56
N VAL B 189 -5.78 24.73 24.44
CA VAL B 189 -5.43 24.14 23.16
C VAL B 189 -6.63 23.94 22.23
N LEU B 190 -7.85 24.02 22.75
CA LEU B 190 -9.05 23.83 21.95
C LEU B 190 -9.73 25.14 21.54
N GLN B 191 -9.03 26.27 21.66
CA GLN B 191 -9.69 27.54 21.39
C GLN B 191 -10.11 27.69 19.92
N LYS B 192 -9.36 27.10 18.99
CA LYS B 192 -9.70 27.25 17.59
C LYS B 192 -10.42 26.02 17.02
N SER B 193 -10.72 25.05 17.86
CA SER B 193 -11.48 23.89 17.45
C SER B 193 -12.97 24.18 17.62
N VAL B 194 -13.77 23.50 16.80
CA VAL B 194 -15.21 23.72 16.70
C VAL B 194 -15.92 22.42 17.04
N ILE B 195 -16.85 22.49 17.95
CA ILE B 195 -17.65 21.33 18.32
C ILE B 195 -18.83 21.21 17.37
N ILE B 196 -19.18 19.98 16.99
CA ILE B 196 -20.34 19.70 16.15
C ILE B 196 -21.43 19.13 17.06
N GLY B 197 -22.57 19.80 17.15
CA GLY B 197 -23.66 19.28 17.95
C GLY B 197 -24.31 18.10 17.26
N VAL B 198 -24.85 17.17 18.06
CA VAL B 198 -25.37 15.91 17.54
C VAL B 198 -26.86 15.81 17.80
N ILE B 199 -27.63 15.65 16.72
CA ILE B 199 -29.09 15.50 16.82
C ILE B 199 -29.43 14.04 17.12
N GLU B 200 -30.17 13.81 18.20
CA GLU B 200 -30.57 12.45 18.53
C GLU B 200 -32.09 12.39 18.63
N GLY B 201 -32.65 11.51 19.45
CA GLY B 201 -34.09 11.36 19.52
C GLY B 201 -34.65 10.14 18.80
N GLY B 202 -33.80 9.35 18.14
CA GLY B 202 -34.25 8.10 17.54
C GLY B 202 -35.35 8.31 16.52
N ASP B 203 -36.33 7.42 16.56
CA ASP B 203 -37.41 7.42 15.58
C ASP B 203 -38.66 8.14 16.08
N VAL B 204 -38.54 8.92 17.15
CA VAL B 204 -39.66 9.65 17.73
C VAL B 204 -39.58 11.10 17.27
N MET B 205 -40.55 11.51 16.45
CA MET B 205 -40.55 12.82 15.81
C MET B 205 -40.36 13.96 16.82
N GLU B 206 -41.14 13.97 17.90
CA GLU B 206 -41.08 15.08 18.85
C GLU B 206 -39.70 15.17 19.51
N GLU B 207 -39.11 14.03 19.84
CA GLU B 207 -37.80 14.07 20.46
C GLU B 207 -36.72 14.48 19.47
N ARG B 208 -36.87 14.08 18.19
CA ARG B 208 -35.98 14.56 17.15
C ARG B 208 -36.02 16.08 17.03
N LEU B 209 -37.22 16.66 16.97
CA LEU B 209 -37.33 18.11 16.83
C LEU B 209 -36.83 18.83 18.07
N ARG B 210 -37.20 18.35 19.25
CA ARG B 210 -36.65 18.92 20.47
C ARG B 210 -35.12 18.87 20.46
N SER B 211 -34.54 17.76 20.03
CA SER B 211 -33.08 17.67 19.98
C SER B 211 -32.51 18.70 19.02
N ALA B 212 -33.14 18.88 17.85
CA ALA B 212 -32.72 19.90 16.92
C ALA B 212 -32.81 21.29 17.54
N ARG B 213 -33.96 21.59 18.17
CA ARG B 213 -34.19 22.93 18.70
C ARG B 213 -33.22 23.26 19.82
N GLU B 214 -33.07 22.33 20.77
CA GLU B 214 -32.20 22.59 21.92
C GLU B 214 -30.75 22.67 21.50
N THR B 215 -30.30 21.75 20.62
CA THR B 215 -28.91 21.76 20.18
C THR B 215 -28.55 23.08 19.49
N ALA B 216 -29.46 23.61 18.69
CA ALA B 216 -29.19 24.85 17.96
C ALA B 216 -29.06 26.04 18.89
N LYS B 217 -29.57 25.93 20.13
CA LYS B 217 -29.38 27.01 21.09
C LYS B 217 -27.95 27.10 21.58
N ARG B 218 -27.16 26.06 21.42
CA ARG B 218 -25.77 26.11 21.86
C ARG B 218 -24.91 26.66 20.72
N PRO B 219 -23.76 27.25 21.03
CA PRO B 219 -22.88 27.81 19.98
C PRO B 219 -22.05 26.75 19.26
N VAL B 220 -22.71 25.71 18.77
CA VAL B 220 -22.01 24.72 17.99
C VAL B 220 -21.69 25.27 16.61
N GLY B 221 -20.66 24.71 15.97
CA GLY B 221 -20.32 25.13 14.61
C GLY B 221 -21.19 24.50 13.54
N GLY B 222 -21.81 23.37 13.84
CA GLY B 222 -22.67 22.65 12.90
C GLY B 222 -23.34 21.52 13.64
N PHE B 223 -24.07 20.71 12.90
CA PHE B 223 -24.88 19.64 13.48
C PHE B 223 -24.61 18.32 12.77
N LEU B 224 -24.52 17.23 13.54
CA LEU B 224 -24.39 15.88 12.99
C LEU B 224 -25.74 15.18 13.10
N LEU B 225 -26.25 14.73 11.97
CA LEU B 225 -27.53 14.01 11.94
C LEU B 225 -27.20 12.56 12.23
N ASP B 226 -27.48 12.12 13.44
CA ASP B 226 -27.05 10.80 13.92
C ASP B 226 -28.22 9.83 13.94
N GLY B 227 -27.94 8.57 13.63
CA GLY B 227 -28.94 7.55 13.80
C GLY B 227 -29.87 7.34 12.62
N PHE B 228 -29.54 7.87 11.45
CA PHE B 228 -30.33 7.63 10.24
C PHE B 228 -29.76 6.54 9.37
N GLN B 229 -28.63 5.94 9.75
CA GLN B 229 -27.99 5.02 8.84
C GLN B 229 -28.85 3.78 8.69
N GLY B 230 -28.81 3.20 7.50
CA GLY B 230 -29.70 2.12 7.17
C GLY B 230 -28.96 0.96 6.54
N ASP B 231 -29.62 -0.18 6.59
CA ASP B 231 -29.12 -1.39 6.00
C ASP B 231 -30.23 -1.95 5.13
N PRO B 232 -30.11 -1.81 3.80
CA PRO B 232 -28.93 -1.32 3.08
C PRO B 232 -28.84 0.21 2.97
N ALA B 233 -29.99 0.87 3.01
CA ALA B 233 -30.06 2.31 2.81
C ALA B 233 -31.05 2.90 3.79
N VAL B 234 -30.98 4.23 3.92
CA VAL B 234 -31.90 4.95 4.79
C VAL B 234 -33.33 4.63 4.38
N THR B 235 -34.14 4.22 5.35
CA THR B 235 -35.53 3.87 5.06
C THR B 235 -36.33 5.13 4.69
N GLU B 236 -37.47 4.91 4.04
CA GLU B 236 -38.29 6.06 3.65
C GLU B 236 -38.82 6.82 4.86
N THR B 237 -39.20 6.09 5.92
CA THR B 237 -39.62 6.78 7.14
C THR B 237 -38.51 7.66 7.70
N ARG B 238 -37.27 7.21 7.63
CA ARG B 238 -36.22 8.04 8.19
C ARG B 238 -35.85 9.20 7.29
N LEU B 239 -36.09 9.08 5.98
CA LEU B 239 -35.94 10.23 5.11
C LEU B 239 -36.95 11.32 5.46
N HIS B 240 -38.20 10.93 5.72
CA HIS B 240 -39.20 11.88 6.17
C HIS B 240 -38.77 12.52 7.48
N LEU B 241 -38.29 11.70 8.42
CA LEU B 241 -37.79 12.20 9.69
C LEU B 241 -36.65 13.19 9.47
N LEU B 242 -35.77 12.85 8.54
CA LEU B 242 -34.61 13.68 8.22
C LEU B 242 -35.03 15.07 7.78
N SER B 243 -35.94 15.18 6.80
CA SER B 243 -36.25 16.53 6.32
C SER B 243 -37.04 17.32 7.36
N SER B 244 -37.80 16.65 8.23
CA SER B 244 -38.39 17.34 9.37
C SER B 244 -37.32 17.92 10.31
N VAL B 245 -36.22 17.20 10.49
CA VAL B 245 -35.19 17.69 11.42
C VAL B 245 -34.45 18.87 10.81
N THR B 246 -34.01 18.73 9.56
CA THR B 246 -33.23 19.79 8.93
C THR B 246 -34.06 21.07 8.78
N ALA B 247 -35.38 20.93 8.68
CA ALA B 247 -36.25 22.11 8.62
C ALA B 247 -36.13 22.97 9.87
N GLU B 248 -35.84 22.36 11.01
CA GLU B 248 -35.66 23.09 12.27
C GLU B 248 -34.25 23.61 12.47
N LEU B 249 -33.31 23.20 11.68
CA LEU B 249 -31.95 23.65 11.97
C LEU B 249 -31.66 24.97 11.25
N PRO B 250 -30.82 25.83 11.83
CA PRO B 250 -30.49 27.09 11.14
C PRO B 250 -29.84 26.80 9.80
N GLU B 251 -30.10 27.69 8.84
CA GLU B 251 -29.62 27.49 7.48
C GLU B 251 -28.16 27.88 7.30
N ASP B 252 -27.59 28.70 8.19
CA ASP B 252 -26.23 29.20 8.01
C ASP B 252 -25.18 28.35 8.73
N LYS B 253 -25.50 27.09 9.06
CA LYS B 253 -24.54 26.17 9.66
C LYS B 253 -24.60 24.84 8.93
N PRO B 254 -23.47 24.14 8.76
CA PRO B 254 -23.47 22.91 7.96
C PRO B 254 -24.14 21.73 8.67
N ARG B 255 -24.77 20.88 7.87
CA ARG B 255 -25.39 19.65 8.35
C ARG B 255 -24.56 18.45 7.86
N LEU B 256 -24.00 17.69 8.82
CA LEU B 256 -23.26 16.47 8.54
C LEU B 256 -24.15 15.27 8.87
N ILE B 257 -23.90 14.16 8.19
CA ILE B 257 -24.58 12.91 8.49
C ILE B 257 -23.53 11.80 8.56
N CYS B 258 -23.73 10.82 9.44
CA CYS B 258 -22.78 9.74 9.63
C CYS B 258 -23.40 8.40 9.21
N GLY B 259 -22.58 7.52 8.64
CA GLY B 259 -23.05 6.21 8.25
C GLY B 259 -23.86 6.18 6.97
N VAL B 260 -23.77 7.23 6.15
CA VAL B 260 -24.51 7.33 4.91
C VAL B 260 -23.54 7.77 3.84
N SER B 261 -23.19 6.85 2.94
CA SER B 261 -22.14 7.10 1.95
C SER B 261 -22.43 6.52 0.57
N ARG B 262 -23.32 5.55 0.45
CA ARG B 262 -23.64 4.97 -0.84
C ARG B 262 -24.37 6.01 -1.71
N PRO B 263 -24.04 6.08 -3.02
CA PRO B 263 -24.51 7.20 -3.86
C PRO B 263 -26.02 7.46 -3.86
N ASP B 264 -26.85 6.41 -3.83
CA ASP B 264 -28.28 6.65 -3.85
C ASP B 264 -28.75 7.31 -2.56
N GLU B 265 -28.24 6.83 -1.41
CA GLU B 265 -28.57 7.44 -0.12
C GLU B 265 -28.12 8.88 -0.06
N VAL B 266 -26.91 9.15 -0.54
CA VAL B 266 -26.35 10.49 -0.51
C VAL B 266 -27.30 11.47 -1.20
N LEU B 267 -27.82 11.09 -2.36
CA LEU B 267 -28.72 11.97 -3.10
C LEU B 267 -30.02 12.19 -2.37
N GLU B 268 -30.60 11.13 -1.79
CA GLU B 268 -31.80 11.28 -0.99
C GLU B 268 -31.57 12.25 0.17
N CYS B 269 -30.38 12.21 0.77
CA CYS B 269 -30.14 13.06 1.91
C CYS B 269 -29.84 14.50 1.51
N ILE B 270 -29.16 14.71 0.38
CA ILE B 270 -28.93 16.07 -0.12
C ILE B 270 -30.24 16.77 -0.39
N GLU B 271 -31.19 16.07 -1.03
CA GLU B 271 -32.51 16.63 -1.27
C GLU B 271 -33.20 17.07 0.00
N ARG B 272 -32.82 16.51 1.15
CA ARG B 272 -33.45 16.81 2.42
C ARG B 272 -32.56 17.68 3.31
N GLY B 273 -31.66 18.44 2.69
CA GLY B 273 -30.93 19.47 3.40
C GLY B 273 -29.64 19.05 4.09
N VAL B 274 -29.06 17.86 3.76
CA VAL B 274 -27.79 17.45 4.35
C VAL B 274 -26.64 17.90 3.44
N ASP B 275 -25.56 18.41 4.04
CA ASP B 275 -24.45 19.01 3.31
C ASP B 275 -23.22 18.12 3.17
N LEU B 276 -22.85 17.38 4.23
CA LEU B 276 -21.54 16.75 4.26
C LEU B 276 -21.66 15.29 4.64
N PHE B 277 -20.95 14.45 3.89
CA PHE B 277 -21.06 13.00 3.99
C PHE B 277 -19.69 12.38 4.21
N GLU B 278 -19.68 11.21 4.83
CA GLU B 278 -18.48 10.41 4.97
C GLU B 278 -18.22 9.64 3.67
N SER B 279 -16.95 9.50 3.29
CA SER B 279 -16.59 8.78 2.07
C SER B 279 -16.01 7.41 2.39
N PHE B 280 -16.60 6.68 3.33
CA PHE B 280 -16.13 5.33 3.60
C PHE B 280 -16.59 4.33 2.55
N PHE B 281 -17.62 4.68 1.73
CA PHE B 281 -18.08 3.72 0.73
C PHE B 281 -16.96 3.30 -0.22
N PRO B 282 -16.21 4.19 -0.87
CA PRO B 282 -15.11 3.72 -1.74
C PRO B 282 -14.06 2.92 -0.99
N TYR B 283 -13.88 3.18 0.32
CA TYR B 283 -12.97 2.35 1.10
C TYR B 283 -13.51 0.94 1.24
N GLN B 284 -14.80 0.80 1.54
CA GLN B 284 -15.42 -0.53 1.58
C GLN B 284 -15.28 -1.24 0.25
N VAL B 285 -15.50 -0.53 -0.86
CA VAL B 285 -15.34 -1.14 -2.18
C VAL B 285 -13.90 -1.62 -2.38
N THR B 286 -12.93 -0.78 -2.01
CA THR B 286 -11.52 -1.20 -2.11
C THR B 286 -11.26 -2.47 -1.31
N GLU B 287 -11.77 -2.54 -0.08
CA GLU B 287 -11.44 -3.67 0.78
C GLU B 287 -11.95 -5.00 0.26
N ARG B 288 -12.98 -5.02 -0.60
CA ARG B 288 -13.42 -6.28 -1.18
C ARG B 288 -12.88 -6.49 -2.59
N GLY B 289 -11.78 -5.82 -2.94
CA GLY B 289 -11.18 -6.04 -4.25
C GLY B 289 -12.01 -5.58 -5.41
N CYS B 290 -12.80 -4.50 -5.24
CA CYS B 290 -13.74 -4.03 -6.25
C CYS B 290 -13.39 -2.62 -6.69
N ALA B 291 -13.97 -2.22 -7.81
CA ALA B 291 -13.78 -0.89 -8.38
C ALA B 291 -15.13 -0.27 -8.69
N LEU B 292 -15.33 0.99 -8.28
CA LEU B 292 -16.53 1.74 -8.64
C LEU B 292 -16.54 2.04 -10.13
N THR B 293 -17.63 1.70 -10.79
CA THR B 293 -17.75 1.94 -12.21
C THR B 293 -18.99 2.73 -12.60
N PHE B 294 -19.91 3.00 -11.66
CA PHE B 294 -21.16 3.63 -12.04
C PHE B 294 -20.90 4.97 -12.73
N THR B 295 -21.78 5.30 -13.67
CA THR B 295 -21.68 6.52 -14.45
C THR B 295 -22.39 7.65 -13.71
N PHE B 296 -21.77 8.83 -13.73
CA PHE B 296 -22.45 10.00 -13.18
C PHE B 296 -22.44 11.19 -14.14
N ASP B 297 -22.19 10.99 -15.43
CA ASP B 297 -22.31 12.04 -16.43
C ASP B 297 -23.66 12.03 -17.16
N GLU B 333 -21.50 -6.66 1.44
CA GLU B 333 -21.86 -7.22 0.14
C GLU B 333 -21.59 -6.18 -0.96
N MET B 334 -21.25 -6.68 -2.15
CA MET B 334 -20.93 -5.83 -3.30
C MET B 334 -22.19 -5.29 -3.97
N THR B 335 -22.15 -4.02 -4.38
CA THR B 335 -23.30 -3.32 -4.92
C THR B 335 -23.27 -3.31 -6.45
N SER B 336 -24.32 -2.73 -7.04
CA SER B 336 -24.44 -2.58 -8.48
C SER B 336 -23.58 -1.46 -9.04
N PHE B 337 -23.02 -0.62 -8.17
CA PHE B 337 -22.15 0.47 -8.58
C PHE B 337 -20.72 0.01 -8.93
N GLU B 338 -20.40 -1.28 -8.87
CA GLU B 338 -19.01 -1.68 -8.86
C GLU B 338 -18.79 -2.98 -9.65
N ILE B 339 -17.52 -3.26 -10.00
CA ILE B 339 -17.12 -4.55 -10.54
C ILE B 339 -16.12 -5.19 -9.57
N ASN B 340 -16.08 -6.51 -9.60
CA ASN B 340 -15.25 -7.30 -8.68
C ASN B 340 -14.07 -7.85 -9.48
N LEU B 341 -12.88 -7.24 -9.30
CA LEU B 341 -11.74 -7.60 -10.14
C LEU B 341 -11.15 -8.96 -9.81
N LYS B 342 -11.60 -9.61 -8.74
CA LYS B 342 -11.17 -10.98 -8.49
C LYS B 342 -11.76 -11.95 -9.51
N GLU B 343 -12.89 -11.61 -10.15
CA GLU B 343 -13.55 -12.51 -11.09
C GLU B 343 -12.69 -12.75 -12.33
N LYS B 344 -12.72 -14.00 -12.81
CA LYS B 344 -11.87 -14.43 -13.92
C LYS B 344 -12.23 -13.71 -15.22
N LYS B 345 -13.47 -13.26 -15.37
CA LYS B 345 -13.85 -12.53 -16.57
C LYS B 345 -13.02 -11.28 -16.78
N TYR B 346 -12.23 -10.85 -15.81
CA TYR B 346 -11.37 -9.69 -16.01
C TYR B 346 -9.92 -10.08 -16.25
N GLN B 347 -9.61 -11.38 -16.27
CA GLN B 347 -8.21 -11.78 -16.38
C GLN B 347 -7.61 -11.31 -17.69
N GLU B 348 -8.41 -11.23 -18.76
CA GLU B 348 -7.94 -10.76 -20.05
C GLU B 348 -8.69 -9.54 -20.52
N ASP B 349 -9.25 -8.76 -19.60
CA ASP B 349 -9.93 -7.51 -19.92
C ASP B 349 -8.88 -6.40 -19.84
N PHE B 350 -8.40 -5.94 -21.00
CA PHE B 350 -7.35 -4.94 -21.05
C PHE B 350 -7.90 -3.52 -21.18
N ASP B 351 -9.17 -3.30 -20.79
CA ASP B 351 -9.73 -1.97 -20.64
C ASP B 351 -9.40 -1.41 -19.27
N PRO B 352 -9.43 -0.07 -19.10
CA PRO B 352 -9.25 0.49 -17.75
C PRO B 352 -10.45 0.15 -16.89
N LEU B 353 -10.28 0.34 -15.59
CA LEU B 353 -11.40 0.22 -14.66
C LEU B 353 -12.60 1.05 -15.15
N VAL B 354 -12.36 2.30 -15.49
CA VAL B 354 -13.41 3.19 -16.01
C VAL B 354 -12.83 3.94 -17.21
N ARG B 355 -13.45 3.80 -18.36
CA ARG B 355 -13.00 4.49 -19.55
C ARG B 355 -13.20 5.99 -19.37
N GLY B 356 -12.19 6.77 -19.74
CA GLY B 356 -12.22 8.20 -19.54
C GLY B 356 -11.89 8.64 -18.13
N CYS B 357 -11.66 7.71 -17.21
CA CYS B 357 -11.18 8.09 -15.90
C CYS B 357 -9.71 8.51 -16.01
N SER B 358 -9.34 9.59 -15.33
CA SER B 358 -7.96 10.04 -15.39
C SER B 358 -7.20 9.83 -14.07
N CYS B 359 -7.69 8.95 -13.21
CA CYS B 359 -6.94 8.64 -12.00
C CYS B 359 -5.66 7.90 -12.35
N TYR B 360 -4.71 7.86 -11.40
CA TYR B 360 -3.43 7.22 -11.65
C TYR B 360 -3.59 5.79 -12.15
N CYS B 361 -4.56 5.06 -11.60
CA CYS B 361 -4.74 3.67 -12.00
C CYS B 361 -5.23 3.58 -13.44
N CYS B 362 -6.23 4.39 -13.80
CA CYS B 362 -6.77 4.30 -15.16
C CYS B 362 -5.84 4.97 -16.17
N LYS B 363 -4.98 5.89 -15.72
CA LYS B 363 -3.96 6.42 -16.60
C LYS B 363 -2.91 5.38 -16.97
N ASN B 364 -2.71 4.35 -16.14
CA ASN B 364 -1.54 3.47 -16.30
C ASN B 364 -1.86 1.99 -16.40
N HIS B 365 -3.02 1.53 -15.96
CA HIS B 365 -3.24 0.10 -15.77
C HIS B 365 -4.59 -0.33 -16.33
N THR B 366 -4.72 -1.65 -16.51
CA THR B 366 -5.91 -2.28 -17.03
C THR B 366 -6.61 -3.08 -15.94
N ARG B 367 -7.84 -3.49 -16.23
CA ARG B 367 -8.52 -4.46 -15.38
C ARG B 367 -7.70 -5.75 -15.23
N ALA B 368 -7.17 -6.26 -16.34
CA ALA B 368 -6.40 -7.51 -16.28
C ALA B 368 -5.26 -7.40 -15.29
N TYR B 369 -4.55 -6.27 -15.30
CA TYR B 369 -3.41 -6.08 -14.41
C TYR B 369 -3.84 -6.08 -12.94
N ILE B 370 -4.90 -5.34 -12.62
CA ILE B 370 -5.40 -5.31 -11.24
C ILE B 370 -5.83 -6.71 -10.81
N HIS B 371 -6.56 -7.41 -11.67
CA HIS B 371 -6.91 -8.81 -11.41
C HIS B 371 -5.67 -9.65 -11.15
N HIS B 372 -4.62 -9.42 -11.95
CA HIS B 372 -3.39 -10.19 -11.77
C HIS B 372 -2.75 -9.89 -10.42
N LEU B 373 -2.75 -8.61 -10.02
CA LEU B 373 -2.22 -8.23 -8.71
C LEU B 373 -3.00 -8.91 -7.59
N LEU B 374 -4.33 -8.92 -7.70
CA LEU B 374 -5.12 -9.61 -6.69
C LEU B 374 -4.82 -11.10 -6.67
N MET B 375 -4.71 -11.74 -7.84
CA MET B 375 -4.42 -13.17 -7.90
C MET B 375 -3.06 -13.47 -7.30
N THR B 376 -2.06 -12.66 -7.63
CA THR B 376 -0.72 -12.92 -7.13
C THR B 376 -0.52 -12.33 -5.75
N ASN B 377 -1.60 -11.86 -5.14
CA ASN B 377 -1.63 -11.45 -3.75
C ASN B 377 -0.63 -10.34 -3.47
N GLU B 378 -0.62 -9.34 -4.36
CA GLU B 378 0.25 -8.18 -4.22
C GLU B 378 -0.60 -7.02 -3.67
N LEU B 379 -0.22 -6.52 -2.48
CA LEU B 379 -0.95 -5.46 -1.80
C LEU B 379 -1.00 -4.16 -2.61
N LEU B 380 -0.15 -4.02 -3.63
CA LEU B 380 -0.25 -2.86 -4.51
C LEU B 380 -1.66 -2.72 -5.10
N ALA B 381 -2.37 -3.83 -5.29
CA ALA B 381 -3.76 -3.78 -5.76
C ALA B 381 -4.60 -2.84 -4.89
N GLY B 382 -4.44 -2.93 -3.57
CA GLY B 382 -5.22 -2.09 -2.67
C GLY B 382 -4.90 -0.62 -2.83
N VAL B 383 -3.63 -0.29 -3.05
CA VAL B 383 -3.24 1.10 -3.30
C VAL B 383 -3.93 1.62 -4.55
N LEU B 384 -3.87 0.83 -5.64
CA LEU B 384 -4.38 1.28 -6.93
C LEU B 384 -5.88 1.43 -6.89
N LEU B 385 -6.59 0.45 -6.31
CA LEU B 385 -8.04 0.53 -6.21
C LEU B 385 -8.46 1.72 -5.33
N MET B 386 -7.76 1.95 -4.23
CA MET B 386 -8.11 3.06 -3.37
C MET B 386 -7.99 4.39 -4.11
N MET B 387 -6.94 4.54 -4.93
CA MET B 387 -6.79 5.76 -5.72
C MET B 387 -7.97 5.94 -6.68
N HIS B 388 -8.35 4.86 -7.38
CA HIS B 388 -9.43 4.98 -8.35
C HIS B 388 -10.77 5.22 -7.65
N ASN B 389 -11.02 4.49 -6.57
CA ASN B 389 -12.32 4.55 -5.92
C ASN B 389 -12.53 5.92 -5.25
N PHE B 390 -11.49 6.47 -4.62
CA PHE B 390 -11.62 7.82 -4.09
C PHE B 390 -11.85 8.81 -5.23
N GLU B 391 -11.01 8.73 -6.27
CA GLU B 391 -11.13 9.65 -7.39
C GLU B 391 -12.50 9.57 -8.03
N HIS B 392 -13.02 8.35 -8.22
CA HIS B 392 -14.35 8.18 -8.79
C HIS B 392 -15.41 8.79 -7.88
N TYR B 393 -15.31 8.51 -6.58
CA TYR B 393 -16.31 8.97 -5.64
C TYR B 393 -16.30 10.48 -5.52
N PHE B 394 -15.10 11.08 -5.47
CA PHE B 394 -15.00 12.53 -5.42
C PHE B 394 -15.53 13.16 -6.70
N GLY B 395 -15.29 12.51 -7.84
CA GLY B 395 -15.85 12.99 -9.09
C GLY B 395 -17.37 12.97 -9.08
N PHE B 396 -17.94 11.96 -8.43
CA PHE B 396 -19.39 11.88 -8.28
C PHE B 396 -19.93 13.11 -7.52
N PHE B 397 -19.23 13.54 -6.46
CA PHE B 397 -19.70 14.71 -5.73
C PHE B 397 -19.54 15.98 -6.58
N CYS B 398 -18.44 16.10 -7.31
CA CYS B 398 -18.30 17.24 -8.23
CA CYS B 398 -18.30 17.24 -8.23
C CYS B 398 -19.47 17.29 -9.18
N SER B 399 -19.88 16.12 -9.69
CA SER B 399 -20.99 16.00 -10.62
C SER B 399 -22.32 16.38 -9.95
N ILE B 400 -22.50 16.06 -8.67
CA ILE B 400 -23.70 16.51 -7.98
C ILE B 400 -23.79 18.03 -7.99
N ARG B 401 -22.69 18.69 -7.62
CA ARG B 401 -22.71 20.15 -7.52
C ARG B 401 -22.96 20.78 -8.88
N GLU B 402 -22.37 20.23 -9.94
CA GLU B 402 -22.66 20.70 -11.28
C GLU B 402 -24.14 20.50 -11.62
N ALA B 403 -24.72 19.38 -11.16
CA ALA B 403 -26.14 19.14 -11.41
C ALA B 403 -27.01 20.15 -10.66
N LEU B 404 -26.61 20.53 -9.45
CA LEU B 404 -27.37 21.57 -8.75
C LEU B 404 -27.26 22.90 -9.48
N LYS B 405 -26.07 23.23 -9.98
CA LYS B 405 -25.88 24.46 -10.73
C LYS B 405 -26.77 24.48 -11.97
N ASN B 406 -26.77 23.39 -12.73
CA ASN B 406 -27.55 23.29 -13.97
C ASN B 406 -28.98 22.86 -13.73
N ASP B 407 -29.41 22.68 -12.48
CA ASP B 407 -30.77 22.25 -12.15
C ASP B 407 -31.13 20.94 -12.83
N THR B 408 -30.18 19.98 -12.84
CA THR B 408 -30.40 18.70 -13.50
C THR B 408 -30.24 17.54 -12.52
N LEU B 409 -30.45 17.82 -11.23
CA LEU B 409 -30.20 16.81 -10.21
C LEU B 409 -31.12 15.59 -10.38
N ALA B 410 -32.38 15.84 -10.74
CA ALA B 410 -33.34 14.74 -10.87
C ALA B 410 -32.90 13.72 -11.92
N GLN B 411 -32.26 14.19 -13.00
CA GLN B 411 -31.77 13.26 -14.01
C GLN B 411 -30.57 12.47 -13.49
N LEU B 412 -29.68 13.14 -12.75
CA LEU B 412 -28.58 12.42 -12.12
C LEU B 412 -29.10 11.36 -11.16
N LYS B 413 -30.10 11.72 -10.36
CA LYS B 413 -30.67 10.77 -9.41
C LYS B 413 -31.24 9.54 -10.12
N GLU B 414 -32.03 9.75 -11.19
CA GLU B 414 -32.56 8.61 -11.93
C GLU B 414 -31.44 7.79 -12.56
N LEU B 415 -30.40 8.46 -13.06
CA LEU B 415 -29.24 7.76 -13.62
C LEU B 415 -28.59 6.84 -12.59
N ILE B 416 -28.37 7.34 -11.36
CA ILE B 416 -27.82 6.52 -10.29
C ILE B 416 -28.73 5.33 -10.01
N CYS B 417 -30.01 5.59 -9.79
CA CYS B 417 -30.89 4.52 -9.36
C CYS B 417 -31.17 3.50 -10.48
N ARG B 418 -31.05 3.89 -11.75
CA ARG B 418 -31.15 2.90 -12.83
C ARG B 418 -29.97 1.94 -12.81
N GLN B 419 -28.79 2.41 -12.42
CA GLN B 419 -27.63 1.54 -12.33
C GLN B 419 -27.66 0.65 -11.10
N MET B 420 -28.44 1.02 -10.09
CA MET B 420 -28.49 0.26 -8.86
C MET B 420 -29.47 -0.91 -8.94
N PHE B 421 -30.62 -0.73 -9.59
CA PHE B 421 -31.60 -1.81 -9.74
C PHE B 421 -31.05 -2.94 -10.59
#